data_7XDA
#
_entry.id   7XDA
#
_cell.length_a   1.00
_cell.length_b   1.00
_cell.length_c   1.00
_cell.angle_alpha   90.00
_cell.angle_beta   90.00
_cell.angle_gamma   90.00
#
_symmetry.space_group_name_H-M   'P 1'
#
loop_
_entity.id
_entity.type
_entity.pdbx_description
1 polymer 'BA7125 fab'
2 polymer 'BA7125 fab'
3 polymer 'Spike glycoprotein'
4 polymer 'BA7208 fab'
5 polymer 'BA7208 fab'
#
loop_
_entity_poly.entity_id
_entity_poly.type
_entity_poly.pdbx_seq_one_letter_code
_entity_poly.pdbx_strand_id
1 'polypeptide(L)'
;EVQLQQWGAGLLKPSETLSLTCAVYGESFSGYYWSWIRQSPGKGLEWIGQINHSGNTNYNPSLKSRVTMSVDTSKNQFSL
KLSSVTAADTAVYYCARELGHDYWGQGTLVTVSSASTKGPSVFPLAPSSKSTSGGTAALGCLVKDYFPEPVTVSWNSGAL
TSGVHTFPAVLQSSGLYSLSSVVTVPSSSLGTQTYICNVNHKPSNTKVDKKVEPKSCDKT
;
B
2 'polypeptide(L)'
;EIVMTQSPGTLSLSPGERATLSCRASQSISSSYLAWFQQKPGQAPRLLIYGASSRAPGIPDRFSGSGSGTDFTLTISRLE
PEDFAVYYCQQYGDSPLTFGGGTKVDIKRTVAAPSVFIFPPSDEQLKSGTASVVCLLNNFYPREAKVQWKVDNALQSGNS
QESVTEQDSKDSTYSLSSTLTLSKADYEKHKVYACEVTHQGLSSPVTKSFNRGEC
;
C
3 'polypeptide(L)'
;NLCPFGEVFNATRFASVYAWNRKRISNCVADYSVLYNSASFSTFKCYGVSPTKLNDLCFTNVYADSFVIRGDEVRQIAPG
QTGKIADYNYKLPDDFTGCVIAWNSNNLDSKVGGNYNYRYRLFRKSNLKPFERDISTEIYQAGSKPCNGVEGFNCYFPLQ
SYGFQPTNGVGYQPYRVVVLSFELLHAPATVCGPK
;
A
4 'polypeptide(L)'
;EVQLVQSGAEVKKPGESLKISCKGSGYSFTSYYWIGWVRQMPGKGLEWMGIVYPDDSDTRYSPSFQGQVTISADKSISTA
YLQWSSLKASDTAMYYCVRHPGGGDWYFDLWGRGTLVTVSSASTKGPSVFPLAPSSKSTSGGTAALGCLVKDYFPEPVTV
SWNSGALTSGVHTFPAVLQSSGLYSLSSVVTVPSSSLGTQTYICNVNHKPSNTKVDKKVEPKSCDKT
;
D
5 'polypeptide(L)'
;DIQMTQSPSTLSASVGDRVTITCRASQSISSWLAWYQQKPGKAPKLLIYKASSLESGVPSRFSGSGSGTEFTLTITSLQP
DDFATYYCQQYDSFSWTFGQGTKLEIKRTVAAPSVFIFPPSDEQLKSGTASVVCLLNNFYPREAKVQWKVDNALQSGNSQ
ESVTEQDSKDSTYSLSSTLTLSKADYEKHKVYACEVTHQGLSSPVTKSFNRGEC
;
E
#
# COMPACT_ATOMS: atom_id res chain seq x y z
N GLU A 1 34.40 -20.29 15.01
CA GLU A 1 33.26 -20.90 15.68
C GLU A 1 33.09 -20.30 17.07
N VAL A 2 32.51 -19.09 17.09
CA VAL A 2 32.28 -18.38 18.34
C VAL A 2 31.63 -19.31 19.35
N GLN A 3 32.13 -19.25 20.59
CA GLN A 3 31.58 -20.00 21.70
C GLN A 3 31.13 -19.02 22.77
N LEU A 4 29.92 -19.23 23.28
CA LEU A 4 29.31 -18.35 24.27
C LEU A 4 28.99 -19.17 25.51
N GLN A 5 29.36 -18.64 26.68
CA GLN A 5 29.18 -19.32 27.95
C GLN A 5 28.37 -18.44 28.89
N GLN A 6 27.25 -18.96 29.37
CA GLN A 6 26.35 -18.21 30.21
C GLN A 6 26.45 -18.66 31.66
N TRP A 7 26.06 -17.75 32.56
CA TRP A 7 25.87 -18.10 33.95
C TRP A 7 25.09 -16.98 34.63
N GLY A 8 24.67 -17.23 35.85
CA GLY A 8 23.91 -16.27 36.60
C GLY A 8 23.02 -16.96 37.60
N ALA A 9 22.10 -16.18 38.17
CA ALA A 9 21.21 -16.70 39.19
C ALA A 9 20.19 -17.66 38.59
N GLY A 10 19.63 -18.49 39.47
CA GLY A 10 18.56 -19.40 39.11
C GLY A 10 17.26 -19.01 39.79
N LEU A 11 16.97 -19.68 40.90
CA LEU A 11 15.77 -19.35 41.68
C LEU A 11 15.87 -17.93 42.23
N LEU A 12 14.73 -17.25 42.26
CA LEU A 12 14.63 -15.91 42.82
C LEU A 12 13.28 -15.80 43.52
N LYS A 13 12.98 -14.60 44.00
CA LYS A 13 11.72 -14.29 44.66
C LYS A 13 11.14 -13.03 44.04
N PRO A 14 9.83 -12.79 44.22
CA PRO A 14 9.23 -11.61 43.63
C PRO A 14 9.87 -10.32 44.12
N SER A 15 9.87 -9.32 43.24
CA SER A 15 10.45 -8.00 43.49
C SER A 15 11.96 -8.04 43.71
N GLU A 16 12.59 -9.19 43.50
CA GLU A 16 14.04 -9.30 43.54
C GLU A 16 14.60 -8.80 42.21
N THR A 17 15.89 -9.02 41.98
CA THR A 17 16.55 -8.57 40.76
C THR A 17 17.31 -9.74 40.14
N LEU A 18 17.19 -9.87 38.82
CA LEU A 18 17.80 -10.94 38.07
C LEU A 18 19.05 -10.42 37.36
N SER A 19 20.14 -11.17 37.46
CA SER A 19 21.41 -10.79 36.86
C SER A 19 22.01 -11.99 36.14
N LEU A 20 22.37 -11.79 34.87
CA LEU A 20 22.97 -12.85 34.07
C LEU A 20 24.19 -12.30 33.35
N THR A 21 25.09 -13.21 32.99
CA THR A 21 26.36 -12.84 32.36
C THR A 21 26.73 -13.87 31.31
N CYS A 22 27.03 -13.39 30.10
CA CYS A 22 27.50 -14.23 29.01
C CYS A 22 28.87 -13.76 28.57
N ALA A 23 29.77 -14.72 28.39
CA ALA A 23 31.14 -14.48 27.99
C ALA A 23 31.41 -15.11 26.63
N VAL A 24 32.38 -14.55 25.92
CA VAL A 24 32.63 -14.85 24.52
C VAL A 24 34.05 -15.39 24.37
N TYR A 25 34.21 -16.37 23.49
CA TYR A 25 35.53 -16.86 23.12
C TYR A 25 35.54 -17.24 21.65
N GLY A 26 36.62 -16.89 20.95
CA GLY A 26 36.84 -17.35 19.60
C GLY A 26 36.69 -16.31 18.50
N GLU A 27 36.43 -15.05 18.85
CA GLU A 27 36.33 -14.01 17.84
C GLU A 27 36.34 -12.65 18.53
N SER A 28 36.36 -11.59 17.72
CA SER A 28 36.46 -10.24 18.24
C SER A 28 35.17 -9.82 18.91
N PHE A 29 35.25 -9.50 20.20
CA PHE A 29 34.09 -8.98 20.91
C PHE A 29 33.57 -7.69 20.29
N SER A 30 34.47 -6.87 19.76
CA SER A 30 34.10 -5.59 19.18
C SER A 30 33.77 -5.74 17.70
N GLY A 31 32.88 -4.88 17.22
CA GLY A 31 32.40 -4.95 15.87
C GLY A 31 31.06 -5.61 15.71
N TYR A 32 30.40 -5.95 16.81
CA TYR A 32 29.12 -6.66 16.76
C TYR A 32 28.26 -6.21 17.93
N TYR A 33 26.97 -6.47 17.80
CA TYR A 33 26.01 -6.31 18.88
C TYR A 33 25.73 -7.66 19.50
N TRP A 34 25.47 -7.67 20.81
CA TRP A 34 25.25 -8.90 21.55
C TRP A 34 23.89 -8.81 22.22
N SER A 35 23.04 -9.80 21.96
CA SER A 35 21.62 -9.75 22.27
C SER A 35 21.23 -10.78 23.32
N TRP A 36 20.10 -10.50 23.98
CA TRP A 36 19.49 -11.41 24.93
C TRP A 36 18.10 -11.79 24.45
N ILE A 37 17.76 -13.07 24.56
CA ILE A 37 16.50 -13.60 24.03
C ILE A 37 15.93 -14.60 25.01
N ARG A 38 14.69 -14.40 25.44
CA ARG A 38 14.04 -15.29 26.40
C ARG A 38 12.92 -16.09 25.73
N GLN A 39 12.75 -17.31 26.21
CA GLN A 39 11.73 -18.22 25.72
C GLN A 39 10.94 -18.76 26.90
N SER A 40 9.62 -18.64 26.84
CA SER A 40 8.71 -19.14 27.86
C SER A 40 7.68 -20.06 27.24
N PRO A 41 7.01 -20.88 28.05
CA PRO A 41 5.95 -21.74 27.51
C PRO A 41 4.65 -20.97 27.32
N GLY A 42 4.08 -21.06 26.12
CA GLY A 42 2.86 -20.37 25.78
C GLY A 42 3.06 -19.00 25.17
N LYS A 43 4.11 -18.29 25.59
CA LYS A 43 4.41 -16.96 25.06
C LYS A 43 5.51 -16.97 24.02
N GLY A 44 6.02 -18.14 23.65
CA GLY A 44 7.04 -18.24 22.63
C GLY A 44 8.27 -17.38 22.92
N LEU A 45 9.07 -17.24 21.86
CA LEU A 45 10.31 -16.49 21.96
C LEU A 45 10.05 -14.99 22.04
N GLU A 46 11.05 -14.27 22.52
CA GLU A 46 10.93 -12.84 22.74
C GLU A 46 12.32 -12.23 22.78
N TRP A 47 12.41 -11.00 22.28
CA TRP A 47 13.68 -10.28 22.17
C TRP A 47 13.71 -9.17 23.21
N ILE A 48 14.77 -9.13 24.00
CA ILE A 48 14.92 -8.18 25.09
C ILE A 48 15.72 -6.97 24.67
N GLY A 49 16.92 -7.19 24.15
CA GLY A 49 17.74 -6.08 23.70
C GLY A 49 19.11 -6.55 23.28
N GLN A 50 19.95 -5.56 22.96
CA GLN A 50 21.31 -5.82 22.52
C GLN A 50 22.21 -4.66 22.95
N ILE A 51 23.46 -4.99 23.22
CA ILE A 51 24.46 -4.01 23.65
C ILE A 51 25.72 -4.15 22.83
N ASN A 52 26.46 -3.04 22.73
CA ASN A 52 27.69 -2.92 21.97
C ASN A 52 28.87 -2.75 22.91
N HIS A 53 30.07 -2.74 22.35
CA HIS A 53 31.27 -2.53 23.13
C HIS A 53 31.41 -1.07 23.58
N SER A 54 30.95 -0.13 22.77
CA SER A 54 30.91 1.28 23.16
C SER A 54 29.85 1.58 24.19
N GLY A 55 29.07 0.60 24.63
CA GLY A 55 28.05 0.82 25.62
C GLY A 55 26.73 1.29 25.09
N ASN A 56 26.48 1.15 23.79
CA ASN A 56 25.26 1.63 23.16
C ASN A 56 24.23 0.51 23.14
N THR A 57 23.00 0.84 23.52
CA THR A 57 21.97 -0.14 23.82
C THR A 57 20.77 0.03 22.91
N ASN A 58 20.21 -1.10 22.46
CA ASN A 58 18.90 -1.15 21.84
C ASN A 58 18.00 -2.00 22.71
N TYR A 59 16.83 -1.48 23.05
CA TYR A 59 15.91 -2.14 23.96
C TYR A 59 14.55 -2.30 23.31
N ASN A 60 13.75 -3.18 23.89
CA ASN A 60 12.38 -3.43 23.47
C ASN A 60 11.43 -2.55 24.29
N PRO A 61 10.56 -1.76 23.66
CA PRO A 61 9.67 -0.89 24.44
C PRO A 61 8.89 -1.62 25.52
N SER A 62 8.61 -2.90 25.34
CA SER A 62 7.89 -3.66 26.36
C SER A 62 8.62 -3.66 27.69
N LEU A 63 9.96 -3.73 27.65
CA LEU A 63 10.77 -3.86 28.84
C LEU A 63 11.78 -2.72 28.98
N LYS A 64 11.59 -1.62 28.26
CA LYS A 64 12.57 -0.53 28.28
C LYS A 64 12.84 -0.03 29.69
N SER A 65 11.85 -0.13 30.58
CA SER A 65 11.95 0.48 31.89
C SER A 65 12.73 -0.36 32.88
N ARG A 66 12.80 -1.67 32.66
CA ARG A 66 13.34 -2.59 33.66
C ARG A 66 14.72 -3.13 33.31
N VAL A 67 15.10 -3.12 32.05
CA VAL A 67 16.31 -3.79 31.59
C VAL A 67 17.49 -2.83 31.69
N THR A 68 18.63 -3.36 32.14
CA THR A 68 19.87 -2.62 32.18
C THR A 68 20.98 -3.54 31.69
N MET A 69 21.66 -3.14 30.62
CA MET A 69 22.73 -3.93 30.05
C MET A 69 24.09 -3.33 30.38
N SER A 70 25.08 -4.19 30.51
CA SER A 70 26.44 -3.77 30.83
C SER A 70 27.42 -4.60 30.02
N VAL A 71 28.63 -4.06 29.85
CA VAL A 71 29.64 -4.68 29.02
C VAL A 71 31.01 -4.44 29.64
N ASP A 72 31.80 -5.50 29.76
CA ASP A 72 33.20 -5.43 30.17
C ASP A 72 34.04 -5.90 28.98
N THR A 73 34.76 -4.96 28.38
CA THR A 73 35.53 -5.27 27.17
C THR A 73 36.78 -6.06 27.50
N SER A 74 37.45 -5.73 28.60
CA SER A 74 38.69 -6.42 28.97
C SER A 74 38.47 -7.92 29.07
N LYS A 75 37.38 -8.34 29.71
CA LYS A 75 37.09 -9.75 29.92
C LYS A 75 36.29 -10.37 28.79
N ASN A 76 35.82 -9.59 27.82
CA ASN A 76 34.94 -10.08 26.77
C ASN A 76 33.65 -10.63 27.37
N GLN A 77 32.94 -9.77 28.09
CA GLN A 77 31.75 -10.18 28.81
C GLN A 77 30.65 -9.15 28.64
N PHE A 78 29.40 -9.62 28.61
CA PHE A 78 28.25 -8.73 28.69
C PHE A 78 27.25 -9.31 29.67
N SER A 79 26.38 -8.44 30.18
CA SER A 79 25.55 -8.81 31.31
C SER A 79 24.21 -8.08 31.25
N LEU A 80 23.20 -8.73 31.82
CA LEU A 80 21.83 -8.23 31.84
C LEU A 80 21.35 -8.17 33.27
N LYS A 81 20.57 -7.12 33.57
CA LYS A 81 19.90 -6.97 34.85
C LYS A 81 18.45 -6.61 34.58
N LEU A 82 17.54 -7.47 35.05
CA LEU A 82 16.10 -7.26 34.91
C LEU A 82 15.50 -7.16 36.30
N SER A 83 14.79 -6.07 36.56
CA SER A 83 14.32 -5.72 37.89
C SER A 83 12.84 -6.05 38.06
N SER A 84 12.39 -6.00 39.30
CA SER A 84 10.99 -6.21 39.65
C SER A 84 10.44 -7.48 39.00
N VAL A 85 11.16 -8.59 39.18
CA VAL A 85 10.76 -9.84 38.53
C VAL A 85 9.51 -10.38 39.20
N THR A 86 8.49 -10.63 38.39
CA THR A 86 7.28 -11.31 38.82
C THR A 86 7.38 -12.78 38.44
N ALA A 87 6.28 -13.51 38.61
CA ALA A 87 6.26 -14.92 38.25
C ALA A 87 6.12 -15.14 36.74
N ALA A 88 5.88 -14.08 35.97
CA ALA A 88 5.77 -14.19 34.52
C ALA A 88 7.12 -14.14 33.82
N ASP A 89 8.21 -13.88 34.55
CA ASP A 89 9.54 -13.83 33.99
C ASP A 89 10.26 -15.19 34.04
N THR A 90 9.58 -16.23 34.52
CA THR A 90 10.14 -17.57 34.48
C THR A 90 10.32 -18.00 33.03
N ALA A 91 11.55 -18.31 32.65
CA ALA A 91 11.83 -18.58 31.24
C ALA A 91 13.29 -18.98 31.08
N VAL A 92 13.63 -19.37 29.86
CA VAL A 92 14.99 -19.73 29.49
C VAL A 92 15.60 -18.57 28.73
N TYR A 93 16.69 -18.03 29.23
CA TYR A 93 17.37 -16.90 28.62
C TYR A 93 18.61 -17.38 27.87
N TYR A 94 18.80 -16.87 26.66
CA TYR A 94 19.96 -17.15 25.84
C TYR A 94 20.66 -15.84 25.50
N CYS A 95 21.99 -15.93 25.42
CA CYS A 95 22.82 -14.87 24.88
C CYS A 95 23.19 -15.25 23.46
N ALA A 96 23.08 -14.28 22.54
CA ALA A 96 23.30 -14.54 21.13
C ALA A 96 24.03 -13.36 20.50
N ARG A 97 24.50 -13.58 19.29
CA ARG A 97 25.09 -12.51 18.50
C ARG A 97 24.00 -11.79 17.71
N GLU A 98 24.34 -10.59 17.27
CA GLU A 98 23.43 -9.77 16.47
C GLU A 98 22.68 -10.61 15.46
N LEU A 99 21.36 -10.58 15.54
CA LEU A 99 20.56 -11.35 14.57
C LEU A 99 20.95 -12.81 14.65
N GLY A 100 20.50 -13.50 15.69
CA GLY A 100 21.06 -14.77 16.13
C GLY A 100 21.24 -15.86 15.10
N HIS A 101 20.98 -15.54 13.83
CA HIS A 101 21.14 -16.43 12.70
C HIS A 101 22.40 -17.29 12.76
N ASP A 102 23.45 -16.83 13.42
CA ASP A 102 24.74 -17.52 13.38
C ASP A 102 25.02 -18.33 14.64
N TYR A 103 25.04 -17.70 15.81
CA TYR A 103 25.51 -18.35 17.03
C TYR A 103 24.60 -18.00 18.20
N TRP A 104 24.39 -18.99 19.07
CA TRP A 104 23.57 -18.85 20.25
C TRP A 104 24.30 -19.42 21.45
N GLY A 105 23.74 -19.19 22.63
CA GLY A 105 24.20 -19.83 23.84
C GLY A 105 23.58 -21.20 24.03
N GLN A 106 23.79 -21.75 25.22
CA GLN A 106 23.22 -23.04 25.57
C GLN A 106 21.96 -22.93 26.40
N GLY A 107 21.74 -21.80 27.07
CA GLY A 107 20.52 -21.58 27.80
C GLY A 107 20.72 -21.46 29.30
N THR A 108 19.92 -20.61 29.94
CA THR A 108 19.92 -20.47 31.40
C THR A 108 18.47 -20.37 31.85
N LEU A 109 18.00 -21.40 32.55
CA LEU A 109 16.64 -21.40 33.06
C LEU A 109 16.56 -20.57 34.32
N VAL A 110 15.55 -19.68 34.38
CA VAL A 110 15.33 -18.79 35.49
C VAL A 110 13.90 -19.01 35.97
N THR A 111 13.75 -19.26 37.27
CA THR A 111 12.48 -19.59 37.88
C THR A 111 12.20 -18.62 39.02
N VAL A 112 10.97 -18.15 39.10
CA VAL A 112 10.53 -17.23 40.14
C VAL A 112 9.42 -17.89 40.92
N SER A 113 9.41 -17.66 42.23
CA SER A 113 8.42 -18.26 43.11
C SER A 113 8.58 -17.64 44.49
N SER A 114 7.56 -17.88 45.32
CA SER A 114 7.54 -17.36 46.68
C SER A 114 8.02 -18.39 47.70
N ALA A 115 7.86 -19.67 47.42
CA ALA A 115 8.27 -20.73 48.32
C ALA A 115 9.79 -20.93 48.26
N SER A 116 10.27 -21.80 49.15
CA SER A 116 11.68 -22.12 49.26
C SER A 116 11.85 -23.63 49.22
N THR A 117 13.10 -24.07 49.39
CA THR A 117 13.42 -25.49 49.30
C THR A 117 12.51 -26.30 50.23
N LYS A 118 12.20 -27.51 49.79
CA LYS A 118 11.32 -28.41 50.53
C LYS A 118 11.36 -29.78 49.89
N GLY A 119 11.11 -30.80 50.69
CA GLY A 119 11.20 -32.17 50.24
C GLY A 119 9.87 -32.74 49.82
N PRO A 120 9.90 -33.86 49.10
CA PRO A 120 8.68 -34.44 48.53
C PRO A 120 7.96 -35.40 49.46
N SER A 121 6.64 -35.46 49.29
CA SER A 121 5.81 -36.47 49.92
C SER A 121 5.55 -37.58 48.91
N VAL A 122 5.95 -38.80 49.26
CA VAL A 122 5.85 -39.95 48.36
C VAL A 122 4.70 -40.82 48.83
N PHE A 123 3.72 -41.04 47.95
CA PHE A 123 2.61 -41.93 48.24
C PHE A 123 2.42 -42.93 47.11
N PRO A 124 2.18 -44.20 47.43
CA PRO A 124 2.10 -45.21 46.37
C PRO A 124 0.68 -45.44 45.85
N LEU A 125 0.57 -45.59 44.54
CA LEU A 125 -0.65 -46.03 43.89
C LEU A 125 -0.49 -47.50 43.53
N ALA A 126 -1.30 -48.36 44.16
CA ALA A 126 -1.06 -49.79 44.10
C ALA A 126 -1.98 -50.46 43.07
N PRO A 127 -1.57 -51.61 42.54
CA PRO A 127 -2.41 -52.31 41.56
C PRO A 127 -3.60 -53.00 42.20
N SER A 128 -4.79 -52.44 42.01
CA SER A 128 -6.00 -53.01 42.57
C SER A 128 -6.64 -54.00 41.58
N SER A 129 -7.65 -54.70 42.07
CA SER A 129 -8.37 -55.66 41.24
C SER A 129 -9.10 -55.01 40.07
N LYS A 130 -9.16 -53.68 40.04
CA LYS A 130 -9.86 -52.97 38.97
C LYS A 130 -8.95 -52.52 37.85
N SER A 131 -7.68 -52.23 38.15
CA SER A 131 -6.77 -51.61 37.20
C SER A 131 -5.87 -52.63 36.51
N THR A 132 -6.36 -53.84 36.27
CA THR A 132 -5.64 -54.86 35.53
C THR A 132 -6.35 -55.13 34.21
N SER A 133 -5.62 -55.03 33.11
CA SER A 133 -6.18 -55.19 31.76
C SER A 133 -5.31 -56.18 30.99
N GLY A 134 -5.64 -57.46 31.09
CA GLY A 134 -4.94 -58.49 30.36
C GLY A 134 -3.75 -59.08 31.10
N GLY A 135 -3.96 -59.46 32.35
CA GLY A 135 -2.89 -60.03 33.14
C GLY A 135 -1.69 -59.14 33.35
N THR A 136 -1.78 -57.87 32.97
CA THR A 136 -0.71 -56.90 33.15
C THR A 136 -1.29 -55.69 33.86
N ALA A 137 -0.89 -55.48 35.11
CA ALA A 137 -1.44 -54.44 35.95
C ALA A 137 -0.46 -53.27 36.07
N ALA A 138 -1.03 -52.09 36.31
CA ALA A 138 -0.25 -50.87 36.45
C ALA A 138 -0.17 -50.48 37.92
N LEU A 139 1.04 -50.15 38.36
CA LEU A 139 1.28 -49.61 39.69
C LEU A 139 2.03 -48.29 39.52
N GLY A 140 2.40 -47.67 40.64
CA GLY A 140 3.24 -46.50 40.53
C GLY A 140 3.38 -45.79 41.86
N CYS A 141 4.12 -44.68 41.80
CA CYS A 141 4.31 -43.81 42.95
C CYS A 141 3.97 -42.38 42.55
N LEU A 142 3.75 -41.55 43.56
CA LEU A 142 3.27 -40.18 43.38
C LEU A 142 4.05 -39.27 44.31
N VAL A 143 4.81 -38.36 43.71
CA VAL A 143 5.53 -37.33 44.45
C VAL A 143 4.68 -36.08 44.47
N LYS A 144 4.52 -35.48 45.65
CA LYS A 144 3.66 -34.31 45.81
C LYS A 144 4.34 -33.29 46.70
N ASP A 145 4.09 -32.01 46.40
CA ASP A 145 4.49 -30.90 47.26
C ASP A 145 6.01 -30.91 47.48
N TYR A 146 6.74 -30.72 46.39
CA TYR A 146 8.18 -30.52 46.44
C TYR A 146 8.53 -29.21 45.75
N PHE A 147 9.71 -28.70 46.07
CA PHE A 147 10.22 -27.48 45.48
C PHE A 147 11.70 -27.38 45.79
N PRO A 148 12.55 -27.03 44.81
CA PRO A 148 12.29 -26.77 43.39
C PRO A 148 12.48 -28.02 42.54
N GLU A 149 12.53 -27.85 41.22
CA GLU A 149 12.85 -28.93 40.33
C GLU A 149 14.37 -29.11 40.22
N PRO A 150 14.83 -30.26 39.73
CA PRO A 150 14.08 -31.46 39.34
C PRO A 150 14.21 -32.59 40.35
N VAL A 151 13.14 -33.34 40.55
CA VAL A 151 13.16 -34.55 41.38
C VAL A 151 13.06 -35.75 40.45
N THR A 152 14.03 -36.66 40.57
CA THR A 152 14.17 -37.77 39.64
C THR A 152 13.74 -39.07 40.31
N VAL A 153 13.02 -39.91 39.57
CA VAL A 153 12.44 -41.14 40.07
C VAL A 153 13.00 -42.31 39.25
N SER A 154 13.37 -43.38 39.95
CA SER A 154 13.77 -44.63 39.30
C SER A 154 13.08 -45.78 40.01
N TRP A 155 13.23 -46.99 39.46
CA TRP A 155 12.57 -48.17 39.97
C TRP A 155 13.58 -49.29 40.17
N ASN A 156 13.63 -49.84 41.37
CA ASN A 156 14.55 -50.91 41.72
C ASN A 156 15.98 -50.55 41.34
N SER A 157 16.32 -49.26 41.43
CA SER A 157 17.67 -48.77 41.19
C SER A 157 18.16 -49.16 39.80
N GLY A 158 17.46 -48.66 38.79
CA GLY A 158 17.84 -48.91 37.41
C GLY A 158 17.69 -50.33 36.96
N ALA A 159 17.03 -51.18 37.76
CA ALA A 159 16.81 -52.57 37.39
C ALA A 159 15.53 -52.75 36.58
N LEU A 160 15.06 -51.70 35.91
CA LEU A 160 13.84 -51.77 35.12
C LEU A 160 13.82 -50.59 34.17
N THR A 161 13.73 -50.88 32.87
CA THR A 161 13.68 -49.84 31.84
C THR A 161 12.62 -50.16 30.79
N SER A 162 11.50 -50.73 31.21
CA SER A 162 10.42 -51.08 30.31
C SER A 162 9.09 -50.70 30.95
N GLY A 163 8.18 -50.17 30.14
CA GLY A 163 6.91 -49.70 30.67
C GLY A 163 7.02 -48.51 31.60
N VAL A 164 8.16 -47.84 31.61
CA VAL A 164 8.38 -46.71 32.52
C VAL A 164 7.89 -45.44 31.83
N HIS A 165 6.94 -44.75 32.46
CA HIS A 165 6.40 -43.50 31.95
C HIS A 165 6.34 -42.50 33.10
N THR A 166 7.23 -41.53 33.06
CA THR A 166 7.31 -40.49 34.09
C THR A 166 6.79 -39.19 33.51
N PHE A 167 5.72 -38.67 34.08
CA PHE A 167 5.09 -37.47 33.57
C PHE A 167 5.79 -36.22 34.09
N PRO A 168 5.55 -35.07 33.47
CA PRO A 168 6.19 -33.84 33.93
C PRO A 168 5.63 -33.36 35.26
N ALA A 169 6.15 -32.24 35.74
CA ALA A 169 5.73 -31.68 37.02
C ALA A 169 4.65 -30.62 36.81
N VAL A 170 3.46 -30.89 37.34
CA VAL A 170 2.33 -29.97 37.24
C VAL A 170 2.38 -29.03 38.43
N LEU A 171 2.32 -27.73 38.16
CA LEU A 171 2.33 -26.72 39.21
C LEU A 171 0.97 -26.66 39.88
N GLN A 172 0.97 -26.64 41.21
CA GLN A 172 -0.26 -26.62 41.98
C GLN A 172 -0.52 -25.22 42.54
N SER A 173 -1.63 -25.07 43.26
CA SER A 173 -1.99 -23.77 43.80
C SER A 173 -1.07 -23.37 44.95
N SER A 174 -0.46 -24.34 45.62
CA SER A 174 0.45 -24.06 46.73
C SER A 174 1.84 -23.64 46.28
N GLY A 175 2.02 -23.30 45.00
CA GLY A 175 3.34 -22.95 44.51
C GLY A 175 4.33 -24.07 44.49
N LEU A 176 3.90 -25.30 44.74
CA LEU A 176 4.75 -26.47 44.76
C LEU A 176 4.53 -27.30 43.49
N TYR A 177 5.28 -28.39 43.37
CA TYR A 177 5.24 -29.25 42.21
C TYR A 177 4.80 -30.65 42.60
N SER A 178 4.31 -31.39 41.61
CA SER A 178 3.85 -32.75 41.82
C SER A 178 3.98 -33.52 40.51
N LEU A 179 4.25 -34.81 40.64
CA LEU A 179 4.32 -35.69 39.47
C LEU A 179 4.02 -37.11 39.93
N SER A 180 3.84 -37.98 38.94
CA SER A 180 3.54 -39.38 39.19
C SER A 180 4.34 -40.22 38.21
N SER A 181 4.81 -41.37 38.68
CA SER A 181 5.55 -42.31 37.86
C SER A 181 4.86 -43.65 37.95
N VAL A 182 4.25 -44.08 36.84
CA VAL A 182 3.52 -45.34 36.76
C VAL A 182 4.31 -46.31 35.91
N VAL A 183 4.14 -47.60 36.21
CA VAL A 183 4.80 -48.68 35.48
C VAL A 183 3.84 -49.85 35.38
N THR A 184 3.84 -50.49 34.21
CA THR A 184 3.00 -51.67 33.97
C THR A 184 3.87 -52.91 34.10
N VAL A 185 3.35 -53.92 34.78
CA VAL A 185 4.08 -55.17 34.99
C VAL A 185 3.09 -56.33 34.96
N PRO A 186 3.52 -57.54 34.60
CA PRO A 186 2.59 -58.66 34.54
C PRO A 186 2.02 -58.98 35.91
N SER A 187 0.71 -59.19 35.98
CA SER A 187 0.08 -59.56 37.24
C SER A 187 0.66 -60.84 37.82
N SER A 188 1.43 -61.59 37.05
CA SER A 188 2.09 -62.79 37.52
C SER A 188 3.39 -62.49 38.29
N SER A 189 3.59 -61.23 38.69
CA SER A 189 4.79 -60.85 39.43
C SER A 189 4.51 -59.94 40.62
N LEU A 190 3.30 -59.41 40.77
CA LEU A 190 3.02 -58.46 41.85
C LEU A 190 3.18 -59.07 43.23
N GLY A 191 3.25 -60.39 43.33
CA GLY A 191 3.46 -61.04 44.61
C GLY A 191 4.87 -61.59 44.77
N THR A 192 5.66 -61.56 43.69
CA THR A 192 6.99 -62.14 43.68
C THR A 192 8.09 -61.08 43.69
N GLN A 193 8.07 -60.16 42.74
CA GLN A 193 9.14 -59.19 42.59
C GLN A 193 8.92 -57.99 43.52
N THR A 194 10.02 -57.36 43.88
CA THR A 194 9.96 -56.15 44.69
C THR A 194 9.77 -54.93 43.79
N TYR A 195 8.93 -53.99 44.26
CA TYR A 195 8.62 -52.79 43.50
C TYR A 195 8.91 -51.58 44.37
N ILE A 196 9.94 -50.82 44.00
CA ILE A 196 10.38 -49.65 44.75
C ILE A 196 10.39 -48.45 43.82
N CYS A 197 10.12 -47.27 44.39
CA CYS A 197 10.18 -46.01 43.67
C CYS A 197 11.21 -45.13 44.38
N ASN A 198 12.45 -45.22 43.92
CA ASN A 198 13.56 -44.47 44.49
C ASN A 198 13.49 -43.04 43.97
N VAL A 199 13.23 -42.10 44.87
CA VAL A 199 13.06 -40.69 44.53
C VAL A 199 14.26 -39.92 45.08
N ASN A 200 14.74 -38.95 44.31
CA ASN A 200 15.90 -38.16 44.70
C ASN A 200 15.67 -36.70 44.29
N HIS A 201 15.69 -35.82 45.28
CA HIS A 201 15.64 -34.37 45.07
C HIS A 201 17.01 -33.78 45.35
N LYS A 202 17.63 -33.21 44.33
CA LYS A 202 18.99 -32.72 44.41
C LYS A 202 19.07 -31.38 45.13
N PRO A 203 18.25 -30.39 44.78
CA PRO A 203 18.30 -29.10 45.49
C PRO A 203 18.18 -29.21 46.99
N SER A 204 17.73 -30.34 47.52
CA SER A 204 17.71 -30.57 48.95
C SER A 204 18.39 -31.88 49.35
N ASN A 205 18.91 -32.64 48.40
CA ASN A 205 19.61 -33.89 48.68
C ASN A 205 18.74 -34.86 49.46
N THR A 206 17.42 -34.78 49.26
CA THR A 206 16.49 -35.64 49.98
C THR A 206 16.20 -36.88 49.14
N LYS A 207 16.49 -38.04 49.69
CA LYS A 207 16.32 -39.31 48.98
C LYS A 207 15.37 -40.21 49.75
N VAL A 208 14.56 -40.94 49.00
CA VAL A 208 13.60 -41.89 49.56
C VAL A 208 13.65 -43.16 48.74
N ASP A 209 13.50 -44.30 49.42
CA ASP A 209 13.42 -45.61 48.78
C ASP A 209 12.19 -46.31 49.35
N LYS A 210 11.03 -46.07 48.75
CA LYS A 210 9.77 -46.60 49.23
C LYS A 210 9.35 -47.79 48.39
N LYS A 211 9.00 -48.89 49.06
CA LYS A 211 8.49 -50.08 48.40
C LYS A 211 6.98 -49.96 48.20
N VAL A 212 6.48 -50.65 47.19
CA VAL A 212 5.07 -50.63 46.84
C VAL A 212 4.48 -52.01 47.12
N GLU A 213 3.25 -52.02 47.63
CA GLU A 213 2.52 -53.24 47.89
C GLU A 213 1.09 -53.10 47.37
N PRO A 214 0.42 -54.20 47.07
CA PRO A 214 -0.95 -54.11 46.54
C PRO A 214 -1.91 -53.52 47.57
N LYS A 215 -3.06 -53.09 47.06
CA LYS A 215 -4.11 -52.50 47.89
C LYS A 215 -5.19 -53.56 48.11
N SER A 216 -4.98 -54.39 49.12
CA SER A 216 -5.93 -55.44 49.44
C SER A 216 -7.12 -54.89 50.21
N CYS A 217 -8.26 -55.55 50.07
CA CYS A 217 -9.48 -55.19 50.77
C CYS A 217 -9.66 -56.14 51.95
N ASP A 218 -8.98 -55.80 53.05
CA ASP A 218 -9.01 -56.65 54.24
C ASP A 218 -10.43 -56.82 54.74
N LYS A 219 -10.86 -58.08 54.89
CA LYS A 219 -12.20 -58.39 55.37
C LYS A 219 -12.13 -58.58 56.88
N THR A 220 -12.70 -57.63 57.63
CA THR A 220 -12.69 -57.69 59.08
C THR A 220 -13.71 -58.71 59.58
N GLU B 1 5.13 -3.16 16.70
CA GLU B 1 5.55 -4.55 16.86
C GLU B 1 4.79 -5.45 15.90
N ILE B 2 5.44 -5.78 14.78
CA ILE B 2 4.81 -6.65 13.79
C ILE B 2 4.51 -8.00 14.43
N VAL B 3 3.25 -8.40 14.39
CA VAL B 3 2.79 -9.64 15.00
C VAL B 3 2.79 -10.73 13.93
N MET B 4 3.55 -11.79 14.17
CA MET B 4 3.61 -12.94 13.27
C MET B 4 2.78 -14.08 13.85
N THR B 5 2.08 -14.78 12.96
CA THR B 5 1.20 -15.88 13.34
C THR B 5 1.48 -17.07 12.46
N GLN B 6 1.74 -18.21 13.08
CA GLN B 6 2.08 -19.44 12.36
C GLN B 6 0.84 -20.28 12.10
N SER B 7 0.95 -21.16 11.10
CA SER B 7 -0.15 -21.97 10.66
C SER B 7 0.38 -23.30 10.11
N PRO B 8 -0.10 -24.44 10.63
CA PRO B 8 -1.00 -24.62 11.77
C PRO B 8 -0.25 -24.66 13.09
N GLY B 9 -0.97 -24.53 14.20
CA GLY B 9 -0.32 -24.60 15.50
C GLY B 9 0.27 -25.96 15.79
N THR B 10 -0.20 -27.00 15.12
CA THR B 10 0.34 -28.35 15.27
C THR B 10 0.12 -29.09 13.97
N LEU B 11 0.92 -30.14 13.77
CA LEU B 11 0.89 -30.88 12.53
C LEU B 11 1.34 -32.31 12.78
N SER B 12 0.73 -33.26 12.07
CA SER B 12 1.02 -34.68 12.26
C SER B 12 1.16 -35.32 10.89
N LEU B 13 2.34 -35.87 10.62
CA LEU B 13 2.63 -36.52 9.36
C LEU B 13 3.43 -37.78 9.64
N SER B 14 3.87 -38.44 8.57
CA SER B 14 4.69 -39.64 8.65
C SER B 14 5.90 -39.46 7.75
N PRO B 15 6.97 -40.23 7.98
CA PRO B 15 8.17 -40.10 7.15
C PRO B 15 7.89 -40.16 5.66
N GLY B 16 8.78 -39.60 4.85
CA GLY B 16 8.62 -39.59 3.42
C GLY B 16 7.74 -38.48 2.90
N GLU B 17 6.62 -38.24 3.57
CA GLU B 17 5.66 -37.24 3.11
C GLU B 17 6.30 -35.85 3.11
N ARG B 18 5.59 -34.91 2.50
CA ARG B 18 6.02 -33.53 2.39
C ARG B 18 5.28 -32.66 3.40
N ALA B 19 5.96 -31.62 3.88
CA ALA B 19 5.41 -30.74 4.90
C ALA B 19 5.35 -29.31 4.38
N THR B 20 4.31 -28.59 4.80
CA THR B 20 4.09 -27.22 4.37
C THR B 20 3.62 -26.41 5.58
N LEU B 21 4.46 -25.49 6.05
CA LEU B 21 4.14 -24.59 7.14
C LEU B 21 4.00 -23.17 6.60
N SER B 22 3.28 -22.33 7.35
CA SER B 22 2.98 -20.99 6.89
C SER B 22 3.15 -19.98 8.02
N CYS B 23 3.55 -18.77 7.66
CA CYS B 23 3.62 -17.64 8.57
C CYS B 23 2.92 -16.45 7.93
N ARG B 24 2.23 -15.67 8.75
CA ARG B 24 1.45 -14.54 8.28
C ARG B 24 1.68 -13.36 9.20
N ALA B 25 2.00 -12.21 8.61
CA ALA B 25 2.28 -10.99 9.36
C ALA B 25 1.05 -10.11 9.48
N SER B 26 1.13 -9.14 10.37
CA SER B 26 0.05 -8.18 10.59
C SER B 26 0.12 -7.02 9.60
N GLN B 27 1.32 -6.63 9.19
CA GLN B 27 1.52 -5.64 8.14
C GLN B 27 2.61 -6.16 7.22
N SER B 28 2.61 -5.62 6.00
CA SER B 28 3.56 -6.10 4.99
C SER B 28 4.99 -5.95 5.51
N ILE B 29 5.82 -6.90 5.12
CA ILE B 29 7.18 -6.99 5.62
C ILE B 29 8.11 -6.37 4.59
N SER B 30 9.34 -6.09 5.01
CA SER B 30 10.34 -5.51 4.13
C SER B 30 10.72 -6.57 3.10
N SER B 31 11.75 -6.30 2.31
CA SER B 31 11.91 -6.87 0.97
C SER B 31 11.47 -8.34 0.93
N SER B 32 12.20 -9.22 1.61
CA SER B 32 11.68 -10.54 1.94
C SER B 32 12.24 -11.00 3.28
N TYR B 33 12.52 -10.08 4.18
CA TYR B 33 13.27 -10.38 5.39
C TYR B 33 12.45 -11.26 6.32
N LEU B 34 12.65 -12.57 6.21
CA LEU B 34 11.83 -13.54 6.92
C LEU B 34 12.66 -14.82 7.04
N ALA B 35 13.03 -15.16 8.26
CA ALA B 35 13.87 -16.31 8.54
C ALA B 35 13.08 -17.43 9.19
N TRP B 36 13.58 -18.64 9.04
CA TRP B 36 12.96 -19.84 9.59
C TRP B 36 13.94 -20.53 10.52
N PHE B 37 13.53 -20.72 11.77
CA PHE B 37 14.34 -21.35 12.80
C PHE B 37 13.79 -22.72 13.15
N GLN B 38 14.70 -23.65 13.42
CA GLN B 38 14.37 -24.98 13.91
C GLN B 38 14.84 -25.11 15.35
N GLN B 39 14.07 -25.84 16.15
CA GLN B 39 14.40 -26.02 17.56
C GLN B 39 13.96 -27.40 18.01
N LYS B 40 14.89 -28.13 18.61
CA LYS B 40 14.66 -29.43 19.22
C LYS B 40 14.74 -29.32 20.74
N PRO B 41 14.33 -30.37 21.44
CA PRO B 41 14.33 -30.30 22.92
C PRO B 41 15.74 -30.25 23.47
N GLY B 42 15.95 -29.34 24.43
CA GLY B 42 17.23 -29.16 25.09
C GLY B 42 18.19 -28.25 24.35
N GLN B 43 18.25 -28.37 23.03
CA GLN B 43 19.15 -27.55 22.23
C GLN B 43 18.58 -26.14 22.08
N ALA B 44 19.29 -25.31 21.33
CA ALA B 44 18.88 -23.96 21.01
C ALA B 44 18.40 -23.88 19.57
N PRO B 45 17.75 -22.78 19.20
CA PRO B 45 17.24 -22.66 17.83
C PRO B 45 18.35 -22.64 16.80
N ARG B 46 18.04 -23.19 15.62
CA ARG B 46 18.96 -23.28 14.50
C ARG B 46 18.30 -22.66 13.28
N LEU B 47 19.03 -21.79 12.59
CA LEU B 47 18.52 -21.14 11.38
C LEU B 47 18.68 -22.05 10.18
N LEU B 48 17.64 -22.08 9.34
CA LEU B 48 17.63 -22.83 8.11
C LEU B 48 17.55 -21.95 6.88
N ILE B 49 16.61 -21.01 6.87
CA ILE B 49 16.25 -20.24 5.68
C ILE B 49 16.29 -18.76 6.04
N TYR B 50 16.99 -17.99 5.21
CA TYR B 50 17.04 -16.53 5.32
C TYR B 50 16.58 -15.91 4.01
N GLY B 51 16.08 -14.68 4.10
CA GLY B 51 15.57 -13.99 2.94
C GLY B 51 14.28 -14.55 2.40
N ALA B 52 13.67 -15.51 3.08
CA ALA B 52 12.41 -16.18 2.76
C ALA B 52 12.58 -17.19 1.63
N SER B 53 13.72 -17.22 0.95
CA SER B 53 13.94 -18.20 -0.11
C SER B 53 15.34 -18.78 -0.12
N SER B 54 16.31 -18.19 0.58
CA SER B 54 17.69 -18.62 0.52
C SER B 54 17.98 -19.66 1.59
N ARG B 55 18.87 -20.58 1.26
CA ARG B 55 19.23 -21.70 2.11
C ARG B 55 20.58 -21.44 2.73
N ALA B 56 20.64 -21.45 4.07
CA ALA B 56 21.88 -21.18 4.76
C ALA B 56 22.85 -22.34 4.59
N PRO B 57 24.15 -22.11 4.85
CA PRO B 57 25.13 -23.18 4.68
C PRO B 57 24.87 -24.34 5.63
N GLY B 58 25.37 -25.51 5.25
CA GLY B 58 25.23 -26.70 6.07
C GLY B 58 23.81 -27.17 6.24
N ILE B 59 22.90 -26.76 5.35
CA ILE B 59 21.50 -27.15 5.43
C ILE B 59 21.19 -28.09 4.28
N PRO B 60 20.45 -29.17 4.50
CA PRO B 60 20.09 -30.07 3.39
C PRO B 60 19.21 -29.36 2.38
N ASP B 61 19.24 -29.89 1.16
CA ASP B 61 18.51 -29.30 0.03
C ASP B 61 17.01 -29.54 0.09
N ARG B 62 16.45 -30.07 1.17
CA ARG B 62 15.02 -30.37 1.23
C ARG B 62 14.20 -29.25 1.86
N PHE B 63 14.84 -28.29 2.51
CA PHE B 63 14.14 -27.14 3.08
C PHE B 63 14.07 -26.03 2.04
N SER B 64 12.85 -25.60 1.70
CA SER B 64 12.64 -24.56 0.71
C SER B 64 11.72 -23.50 1.28
N GLY B 65 11.91 -22.27 0.80
CA GLY B 65 11.07 -21.16 1.21
C GLY B 65 10.31 -20.54 0.07
N SER B 66 9.25 -19.80 0.38
CA SER B 66 8.48 -19.11 -0.66
C SER B 66 7.59 -18.08 0.01
N GLY B 67 7.05 -17.19 -0.81
CA GLY B 67 6.10 -16.19 -0.36
C GLY B 67 6.72 -14.80 -0.29
N SER B 68 5.87 -13.86 0.10
CA SER B 68 6.27 -12.45 0.18
C SER B 68 5.15 -11.69 0.88
N GLY B 69 5.34 -10.38 0.98
CA GLY B 69 4.33 -9.51 1.56
C GLY B 69 3.95 -9.89 2.96
N THR B 70 2.76 -10.45 3.12
CA THR B 70 2.24 -10.85 4.42
C THR B 70 2.11 -12.35 4.58
N ASP B 71 2.46 -13.13 3.56
CA ASP B 71 2.27 -14.58 3.59
C ASP B 71 3.54 -15.26 3.14
N PHE B 72 4.10 -16.12 3.99
CA PHE B 72 5.29 -16.88 3.68
C PHE B 72 5.05 -18.34 4.00
N THR B 73 5.82 -19.21 3.34
CA THR B 73 5.61 -20.65 3.45
C THR B 73 6.95 -21.36 3.41
N LEU B 74 7.07 -22.39 4.23
CA LEU B 74 8.23 -23.28 4.27
C LEU B 74 7.80 -24.67 3.84
N THR B 75 8.63 -25.31 3.02
CA THR B 75 8.34 -26.62 2.46
C THR B 75 9.46 -27.59 2.78
N ILE B 76 9.08 -28.82 3.07
CA ILE B 76 10.01 -29.90 3.35
C ILE B 76 9.66 -31.05 2.42
N SER B 77 10.58 -31.37 1.52
CA SER B 77 10.36 -32.41 0.51
C SER B 77 10.03 -33.75 1.14
N ARG B 78 10.99 -34.33 1.86
CA ARG B 78 10.84 -35.65 2.46
C ARG B 78 11.20 -35.55 3.94
N LEU B 79 10.20 -35.76 4.80
CA LEU B 79 10.46 -35.75 6.24
C LEU B 79 11.47 -36.82 6.61
N GLU B 80 12.25 -36.53 7.64
CA GLU B 80 13.21 -37.46 8.21
C GLU B 80 13.14 -37.34 9.72
N PRO B 81 13.60 -38.36 10.44
CA PRO B 81 13.59 -38.30 11.91
C PRO B 81 14.11 -36.99 12.47
N GLU B 82 15.17 -36.46 11.86
CA GLU B 82 15.76 -35.20 12.33
C GLU B 82 14.91 -33.99 11.98
N ASP B 83 13.84 -34.16 11.20
CA ASP B 83 13.00 -33.04 10.78
C ASP B 83 11.82 -32.80 11.71
N PHE B 84 11.56 -33.70 12.65
CA PHE B 84 10.46 -33.54 13.59
C PHE B 84 10.92 -32.68 14.75
N ALA B 85 10.45 -31.44 14.80
CA ALA B 85 10.93 -30.45 15.75
C ALA B 85 9.92 -29.29 15.73
N VAL B 86 10.30 -28.18 16.36
CA VAL B 86 9.45 -27.00 16.47
C VAL B 86 10.06 -25.90 15.60
N TYR B 87 9.24 -25.33 14.73
CA TYR B 87 9.70 -24.33 13.77
C TYR B 87 9.12 -22.96 14.10
N TYR B 88 9.91 -21.93 13.80
CA TYR B 88 9.56 -20.55 14.11
C TYR B 88 9.84 -19.67 12.90
N CYS B 89 9.02 -18.65 12.73
CA CYS B 89 9.24 -17.62 11.72
C CYS B 89 9.64 -16.33 12.41
N GLN B 90 10.59 -15.62 11.81
CA GLN B 90 11.15 -14.41 12.38
C GLN B 90 11.24 -13.34 11.30
N GLN B 91 11.02 -12.09 11.71
CA GLN B 91 11.16 -10.95 10.82
C GLN B 91 12.22 -10.00 11.36
N TYR B 92 13.18 -9.64 10.52
CA TYR B 92 14.22 -8.68 10.87
C TYR B 92 14.23 -7.48 9.95
N GLY B 93 13.10 -7.18 9.32
CA GLY B 93 12.99 -6.05 8.42
C GLY B 93 12.64 -4.77 9.14
N ASP B 94 12.12 -4.88 10.35
CA ASP B 94 11.79 -3.74 11.20
C ASP B 94 12.37 -3.97 12.58
N SER B 95 12.20 -2.98 13.45
CA SER B 95 12.60 -3.07 14.83
C SER B 95 11.39 -2.88 15.73
N PRO B 96 11.20 -3.72 16.75
CA PRO B 96 12.03 -4.84 17.17
C PRO B 96 11.79 -6.13 16.41
N LEU B 97 12.70 -7.09 16.56
CA LEU B 97 12.49 -8.43 16.03
C LEU B 97 11.23 -9.03 16.64
N THR B 98 10.65 -9.98 15.92
CA THR B 98 9.46 -10.68 16.39
C THR B 98 9.48 -12.09 15.83
N PHE B 99 9.35 -13.07 16.72
CA PHE B 99 9.23 -14.46 16.35
C PHE B 99 7.75 -14.86 16.33
N GLY B 100 7.47 -15.96 15.64
CA GLY B 100 6.15 -16.53 15.65
C GLY B 100 5.93 -17.47 16.81
N GLY B 101 4.67 -17.83 17.01
CA GLY B 101 4.31 -18.72 18.10
C GLY B 101 5.01 -20.06 18.03
N GLY B 102 4.86 -20.75 16.90
CA GLY B 102 5.46 -22.05 16.73
C GLY B 102 4.58 -23.01 15.95
N THR B 103 5.16 -24.11 15.48
CA THR B 103 4.41 -25.12 14.74
C THR B 103 5.14 -26.45 14.91
N LYS B 104 4.61 -27.31 15.77
CA LYS B 104 5.23 -28.59 16.02
C LYS B 104 4.94 -29.56 14.87
N VAL B 105 5.73 -30.62 14.81
CA VAL B 105 5.58 -31.65 13.80
C VAL B 105 5.71 -33.02 14.48
N ASP B 106 4.59 -33.69 14.66
CA ASP B 106 4.54 -34.97 15.35
C ASP B 106 4.39 -36.12 14.35
N ILE B 107 4.84 -37.30 14.75
CA ILE B 107 4.73 -38.47 13.92
C ILE B 107 3.29 -38.98 13.92
N LYS B 108 2.92 -39.67 12.85
CA LYS B 108 1.58 -40.18 12.65
C LYS B 108 1.61 -41.70 12.55
N ARG B 109 0.61 -42.33 13.14
CA ARG B 109 0.49 -43.78 13.14
C ARG B 109 -0.99 -44.15 13.19
N THR B 110 -1.27 -45.41 13.50
CA THR B 110 -2.64 -45.88 13.61
C THR B 110 -3.20 -45.60 15.00
N VAL B 111 -4.51 -45.41 15.07
CA VAL B 111 -5.17 -45.18 16.36
C VAL B 111 -4.89 -46.35 17.30
N ALA B 112 -4.97 -46.07 18.59
CA ALA B 112 -4.74 -47.06 19.62
C ALA B 112 -5.76 -46.89 20.74
N ALA B 113 -6.11 -48.01 21.37
CA ALA B 113 -7.09 -48.01 22.45
C ALA B 113 -6.43 -47.60 23.75
N PRO B 114 -6.75 -46.43 24.31
CA PRO B 114 -6.13 -46.04 25.59
C PRO B 114 -6.46 -47.04 26.68
N SER B 115 -5.41 -47.60 27.29
CA SER B 115 -5.58 -48.46 28.45
C SER B 115 -5.82 -47.58 29.67
N VAL B 116 -6.99 -47.74 30.30
CA VAL B 116 -7.40 -46.89 31.41
C VAL B 116 -7.19 -47.64 32.71
N PHE B 117 -6.62 -46.95 33.70
CA PHE B 117 -6.40 -47.50 35.02
C PHE B 117 -6.72 -46.44 36.05
N ILE B 118 -7.11 -46.88 37.25
CA ILE B 118 -7.42 -45.98 38.35
C ILE B 118 -6.64 -46.42 39.58
N PHE B 119 -6.38 -45.47 40.47
CA PHE B 119 -5.62 -45.74 41.68
C PHE B 119 -6.30 -45.10 42.89
N PRO B 120 -6.40 -45.81 44.01
CA PRO B 120 -6.98 -45.20 45.21
C PRO B 120 -5.90 -44.57 46.08
N PRO B 121 -6.26 -43.66 46.97
CA PRO B 121 -5.26 -43.05 47.85
C PRO B 121 -4.69 -44.05 48.83
N SER B 122 -3.64 -43.62 49.53
CA SER B 122 -3.00 -44.41 50.58
C SER B 122 -3.28 -43.75 51.93
N ASP B 123 -3.41 -44.59 52.96
CA ASP B 123 -3.73 -44.07 54.28
C ASP B 123 -2.72 -43.03 54.74
N GLU B 124 -1.48 -43.12 54.25
CA GLU B 124 -0.47 -42.13 54.58
C GLU B 124 -0.93 -40.74 54.15
N GLN B 125 -1.24 -40.58 52.86
CA GLN B 125 -1.73 -39.30 52.36
C GLN B 125 -3.01 -38.89 53.08
N LEU B 126 -3.85 -39.85 53.44
CA LEU B 126 -5.09 -39.53 54.14
C LEU B 126 -4.79 -38.85 55.47
N LYS B 127 -4.10 -39.54 56.37
CA LYS B 127 -3.78 -38.94 57.66
C LYS B 127 -2.92 -37.69 57.50
N SER B 128 -2.19 -37.58 56.39
CA SER B 128 -1.41 -36.38 56.13
C SER B 128 -2.27 -35.12 56.12
N GLY B 129 -3.53 -35.25 55.71
CA GLY B 129 -4.44 -34.13 55.69
C GLY B 129 -4.93 -33.74 54.31
N THR B 130 -5.01 -34.72 53.41
CA THR B 130 -5.51 -34.47 52.06
C THR B 130 -5.68 -35.80 51.35
N ALA B 131 -6.42 -35.78 50.25
CA ALA B 131 -6.65 -36.97 49.44
C ALA B 131 -6.54 -36.60 47.97
N SER B 132 -6.19 -37.60 47.16
CA SER B 132 -6.07 -37.40 45.72
C SER B 132 -6.17 -38.75 45.03
N VAL B 133 -7.04 -38.83 44.02
CA VAL B 133 -7.20 -40.04 43.22
C VAL B 133 -6.59 -39.81 41.85
N VAL B 134 -6.15 -40.89 41.22
CA VAL B 134 -5.33 -40.84 40.01
C VAL B 134 -5.94 -41.71 38.92
N CYS B 135 -5.99 -41.18 37.71
CA CYS B 135 -6.44 -41.87 36.51
C CYS B 135 -5.34 -41.85 35.47
N LEU B 136 -5.00 -43.01 34.92
CA LEU B 136 -3.88 -43.16 34.00
C LEU B 136 -4.37 -43.77 32.69
N LEU B 137 -4.25 -43.01 31.62
CA LEU B 137 -4.44 -43.53 30.27
C LEU B 137 -3.07 -43.80 29.68
N ASN B 138 -2.91 -44.97 29.05
CA ASN B 138 -1.63 -45.39 28.51
C ASN B 138 -1.77 -45.84 27.07
N ASN B 139 -0.76 -45.51 26.25
CA ASN B 139 -0.58 -46.09 24.93
C ASN B 139 -1.79 -45.84 24.03
N PHE B 140 -2.02 -44.56 23.74
CA PHE B 140 -3.12 -44.13 22.89
C PHE B 140 -2.65 -43.09 21.89
N TYR B 141 -3.10 -43.24 20.64
CA TYR B 141 -2.91 -42.25 19.60
C TYR B 141 -4.25 -41.98 18.93
N PRO B 142 -4.57 -40.71 18.60
CA PRO B 142 -3.78 -39.49 18.78
C PRO B 142 -3.87 -38.88 20.17
N ARG B 143 -3.22 -37.72 20.34
CA ARG B 143 -3.10 -37.12 21.66
C ARG B 143 -4.43 -36.60 22.17
N GLU B 144 -5.27 -36.08 21.28
CA GLU B 144 -6.49 -35.40 21.68
C GLU B 144 -7.47 -36.40 22.28
N ALA B 145 -7.65 -36.35 23.59
CA ALA B 145 -8.61 -37.18 24.29
C ALA B 145 -9.09 -36.42 25.53
N LYS B 146 -10.37 -36.56 25.85
CA LYS B 146 -11.00 -35.83 26.94
C LYS B 146 -11.21 -36.75 28.13
N VAL B 147 -11.01 -36.19 29.33
CA VAL B 147 -11.23 -36.92 30.57
C VAL B 147 -11.96 -36.00 31.55
N GLN B 148 -12.80 -36.60 32.38
CA GLN B 148 -13.54 -35.84 33.38
C GLN B 148 -13.71 -36.70 34.63
N TRP B 149 -14.11 -36.03 35.71
CA TRP B 149 -14.30 -36.66 37.00
C TRP B 149 -15.75 -36.47 37.45
N LYS B 150 -16.29 -37.48 38.12
CA LYS B 150 -17.67 -37.45 38.61
C LYS B 150 -17.71 -37.99 40.03
N VAL B 151 -18.08 -37.16 40.98
CA VAL B 151 -18.16 -37.55 42.38
C VAL B 151 -19.63 -37.86 42.69
N ASP B 152 -19.93 -39.12 42.94
CA ASP B 152 -21.28 -39.56 43.23
C ASP B 152 -22.25 -39.11 42.13
N ASN B 153 -21.92 -39.48 40.90
CA ASN B 153 -22.69 -39.08 39.73
C ASN B 153 -22.95 -37.57 39.71
N ALA B 154 -21.85 -36.82 39.73
CA ALA B 154 -21.92 -35.36 39.73
C ALA B 154 -20.62 -34.83 39.12
N LEU B 155 -20.72 -34.17 37.98
CA LEU B 155 -19.55 -33.64 37.28
C LEU B 155 -18.75 -32.73 38.21
N GLN B 156 -17.46 -32.59 37.92
CA GLN B 156 -16.55 -31.75 38.68
C GLN B 156 -15.81 -30.82 37.73
N SER B 157 -15.07 -29.88 38.31
CA SER B 157 -14.27 -28.95 37.52
C SER B 157 -13.46 -28.08 38.47
N GLY B 158 -12.32 -27.59 37.97
CA GLY B 158 -11.44 -26.74 38.74
C GLY B 158 -10.69 -27.44 39.85
N ASN B 159 -10.95 -28.72 40.08
CA ASN B 159 -10.27 -29.48 41.14
C ASN B 159 -9.53 -30.69 40.59
N SER B 160 -9.15 -30.66 39.31
CA SER B 160 -8.46 -31.77 38.67
C SER B 160 -7.35 -31.21 37.80
N GLN B 161 -6.20 -31.87 37.82
CA GLN B 161 -5.04 -31.45 37.04
C GLN B 161 -4.51 -32.62 36.25
N GLU B 162 -4.31 -32.43 34.94
CA GLU B 162 -3.88 -33.50 34.06
C GLU B 162 -2.55 -33.14 33.42
N SER B 163 -1.82 -34.19 33.02
CA SER B 163 -0.53 -34.05 32.37
C SER B 163 -0.40 -35.11 31.29
N VAL B 164 0.34 -34.77 30.23
CA VAL B 164 0.52 -35.64 29.08
C VAL B 164 2.01 -35.92 28.92
N THR B 165 2.32 -37.10 28.40
CA THR B 165 3.69 -37.52 28.18
C THR B 165 4.15 -37.04 26.81
N GLU B 166 5.29 -37.55 26.36
CA GLU B 166 5.85 -37.19 25.07
C GLU B 166 5.86 -38.40 24.15
N GLN B 167 5.88 -38.14 22.84
CA GLN B 167 5.83 -39.21 21.86
C GLN B 167 7.01 -40.16 22.04
N ASP B 168 6.71 -41.41 22.32
CA ASP B 168 7.75 -42.40 22.53
C ASP B 168 8.60 -42.56 21.27
N SER B 169 9.86 -42.93 21.47
CA SER B 169 10.76 -43.16 20.35
C SER B 169 10.57 -44.52 19.71
N LYS B 170 9.59 -45.30 20.15
CA LYS B 170 9.37 -46.65 19.66
C LYS B 170 8.05 -46.80 18.91
N ASP B 171 6.93 -46.43 19.54
CA ASP B 171 5.61 -46.69 18.99
C ASP B 171 4.81 -45.44 18.69
N SER B 172 5.30 -44.25 19.04
CA SER B 172 4.60 -43.00 18.77
C SER B 172 3.24 -42.96 19.47
N THR B 173 3.29 -43.17 20.78
CA THR B 173 2.10 -43.20 21.62
C THR B 173 2.24 -42.19 22.74
N TYR B 174 1.14 -41.96 23.45
CA TYR B 174 1.08 -40.98 24.53
C TYR B 174 0.53 -41.61 25.79
N SER B 175 0.74 -40.91 26.90
CA SER B 175 0.16 -41.27 28.18
C SER B 175 -0.38 -40.01 28.84
N LEU B 176 -1.50 -40.17 29.55
CA LEU B 176 -2.16 -39.08 30.25
C LEU B 176 -2.36 -39.49 31.70
N SER B 177 -2.22 -38.53 32.61
CA SER B 177 -2.42 -38.77 34.03
C SER B 177 -3.20 -37.61 34.61
N SER B 178 -4.38 -37.90 35.16
CA SER B 178 -5.21 -36.91 35.81
C SER B 178 -5.28 -37.19 37.30
N THR B 179 -5.07 -36.14 38.10
CA THR B 179 -5.13 -36.22 39.55
C THR B 179 -6.26 -35.32 40.03
N LEU B 180 -7.20 -35.91 40.77
CA LEU B 180 -8.30 -35.19 41.40
C LEU B 180 -7.99 -35.11 42.88
N THR B 181 -7.65 -33.91 43.35
CA THR B 181 -7.25 -33.67 44.72
C THR B 181 -8.37 -32.98 45.48
N LEU B 182 -8.42 -33.21 46.79
CA LEU B 182 -9.46 -32.64 47.63
C LEU B 182 -9.21 -32.93 49.10
N SER B 183 -9.79 -32.10 49.97
CA SER B 183 -9.72 -32.34 51.41
C SER B 183 -10.45 -33.63 51.75
N LYS B 184 -10.00 -34.29 52.81
CA LYS B 184 -10.61 -35.55 53.21
C LYS B 184 -12.07 -35.37 53.62
N ALA B 185 -12.48 -34.16 53.96
CA ALA B 185 -13.89 -33.93 54.29
C ALA B 185 -14.76 -34.13 53.05
N ASP B 186 -14.36 -33.54 51.93
CA ASP B 186 -15.08 -33.73 50.67
C ASP B 186 -15.00 -35.18 50.21
N TYR B 187 -13.98 -35.91 50.64
CA TYR B 187 -13.86 -37.33 50.31
C TYR B 187 -14.71 -38.20 51.22
N GLU B 188 -15.04 -37.71 52.42
CA GLU B 188 -15.88 -38.43 53.37
C GLU B 188 -17.36 -38.06 53.28
N LYS B 189 -17.69 -36.98 52.56
CA LYS B 189 -19.10 -36.63 52.35
C LYS B 189 -19.58 -36.96 50.95
N HIS B 190 -18.72 -36.95 49.95
CA HIS B 190 -19.05 -37.45 48.63
C HIS B 190 -18.78 -38.94 48.56
N LYS B 191 -19.61 -39.66 47.82
CA LYS B 191 -19.64 -41.12 47.89
C LYS B 191 -18.74 -41.78 46.84
N VAL B 192 -19.04 -41.54 45.57
CA VAL B 192 -18.41 -42.27 44.48
C VAL B 192 -17.34 -41.41 43.83
N TYR B 193 -16.50 -42.04 43.01
CA TYR B 193 -15.50 -41.32 42.23
C TYR B 193 -15.31 -42.04 40.91
N ALA B 194 -15.59 -41.36 39.80
CA ALA B 194 -15.60 -41.95 38.47
C ALA B 194 -14.74 -41.15 37.51
N CYS B 195 -13.84 -41.84 36.83
CA CYS B 195 -13.03 -41.28 35.74
C CYS B 195 -13.71 -41.62 34.42
N GLU B 196 -14.14 -40.59 33.70
CA GLU B 196 -14.78 -40.75 32.40
C GLU B 196 -13.81 -40.33 31.30
N VAL B 197 -13.79 -41.09 30.21
CA VAL B 197 -12.83 -40.90 29.14
C VAL B 197 -13.56 -40.94 27.80
N THR B 198 -13.09 -40.10 26.87
CA THR B 198 -13.62 -40.04 25.51
C THR B 198 -12.46 -39.84 24.56
N HIS B 199 -12.24 -40.81 23.68
CA HIS B 199 -11.14 -40.76 22.71
C HIS B 199 -11.65 -41.13 21.33
N GLN B 200 -11.04 -40.52 20.31
CA GLN B 200 -11.43 -40.81 18.94
C GLN B 200 -11.31 -42.29 18.61
N GLY B 201 -10.38 -42.99 19.24
CA GLY B 201 -10.20 -44.41 18.99
C GLY B 201 -11.30 -45.30 19.53
N LEU B 202 -12.31 -44.72 20.18
CA LEU B 202 -13.40 -45.48 20.77
C LEU B 202 -14.71 -45.11 20.09
N SER B 203 -15.72 -45.95 20.29
CA SER B 203 -17.03 -45.73 19.73
C SER B 203 -17.96 -45.00 20.70
N SER B 204 -17.71 -45.09 22.00
CA SER B 204 -18.52 -44.43 23.01
C SER B 204 -17.64 -44.18 24.23
N PRO B 205 -17.88 -43.08 24.97
CA PRO B 205 -17.09 -42.83 26.19
C PRO B 205 -17.13 -44.00 27.14
N VAL B 206 -16.17 -44.08 28.07
CA VAL B 206 -16.08 -45.17 29.02
C VAL B 206 -15.76 -44.60 30.40
N THR B 207 -16.43 -45.13 31.42
CA THR B 207 -16.29 -44.65 32.80
C THR B 207 -15.85 -45.79 33.70
N LYS B 208 -14.76 -45.56 34.44
CA LYS B 208 -14.29 -46.50 35.44
C LYS B 208 -14.30 -45.80 36.79
N SER B 209 -14.95 -46.41 37.78
CA SER B 209 -15.24 -45.71 39.03
C SER B 209 -15.09 -46.67 40.20
N PHE B 210 -15.06 -46.09 41.40
CA PHE B 210 -15.09 -46.85 42.63
C PHE B 210 -15.78 -46.02 43.70
N ASN B 211 -16.42 -46.72 44.63
CA ASN B 211 -17.22 -46.08 45.67
C ASN B 211 -16.40 -45.95 46.95
N ARG B 212 -16.97 -45.21 47.91
CA ARG B 212 -16.28 -44.95 49.16
C ARG B 212 -15.98 -46.26 49.89
N GLY B 213 -14.80 -46.32 50.50
CA GLY B 213 -14.41 -47.47 51.28
C GLY B 213 -14.35 -48.76 50.50
N GLU B 214 -14.38 -48.67 49.17
CA GLU B 214 -14.29 -49.84 48.31
C GLU B 214 -12.85 -50.12 47.95
N CYS B 215 -12.55 -51.40 47.76
CA CYS B 215 -11.19 -51.82 47.42
C CYS B 215 -11.17 -53.28 46.97
N ASN C 1 9.16 41.35 5.79
CA ASN C 1 9.79 40.42 4.87
C ASN C 1 9.00 39.11 4.78
N LEU C 2 8.55 38.62 5.93
CA LEU C 2 7.70 37.43 6.00
C LEU C 2 8.39 36.25 5.31
N CYS C 3 9.47 35.80 5.93
CA CYS C 3 10.28 34.72 5.38
C CYS C 3 9.49 33.44 5.17
N PRO C 4 10.03 32.47 4.43
CA PRO C 4 9.25 31.32 3.93
C PRO C 4 9.03 30.18 4.92
N PHE C 5 8.00 30.31 5.74
CA PHE C 5 7.49 29.21 6.53
C PHE C 5 6.44 28.42 5.76
N GLY C 6 6.36 28.59 4.45
CA GLY C 6 5.42 27.87 3.63
C GLY C 6 6.09 26.84 2.75
N GLU C 7 7.29 27.15 2.28
CA GLU C 7 8.10 26.18 1.55
C GLU C 7 8.54 25.03 2.44
N VAL C 8 8.38 25.15 3.75
CA VAL C 8 8.75 24.12 4.70
C VAL C 8 7.54 23.29 5.10
N PHE C 9 6.46 23.97 5.52
CA PHE C 9 5.26 23.26 5.98
C PHE C 9 4.36 22.88 4.81
N ASN C 10 4.12 23.81 3.89
CA ASN C 10 3.24 23.58 2.76
C ASN C 10 4.09 23.26 1.53
N ALA C 11 4.52 22.01 1.46
CA ALA C 11 5.30 21.50 0.35
C ALA C 11 4.72 20.18 -0.12
N THR C 12 4.81 19.93 -1.43
CA THR C 12 4.18 18.75 -2.00
C THR C 12 4.92 17.48 -1.62
N ARG C 13 6.25 17.54 -1.55
CA ARG C 13 7.06 16.37 -1.25
C ARG C 13 7.99 16.68 -0.10
N PHE C 14 8.26 15.64 0.70
CA PHE C 14 9.13 15.73 1.86
C PHE C 14 10.26 14.73 1.71
N ALA C 15 11.18 14.75 2.67
CA ALA C 15 12.36 13.91 2.65
C ALA C 15 12.15 12.66 3.50
N SER C 16 13.15 11.78 3.43
CA SER C 16 13.18 10.57 4.25
C SER C 16 14.02 10.84 5.49
N VAL C 17 13.60 10.26 6.62
CA VAL C 17 14.16 10.64 7.91
C VAL C 17 15.66 10.39 7.99
N TYR C 18 16.21 9.55 7.12
CA TYR C 18 17.65 9.34 7.08
C TYR C 18 18.36 10.35 6.19
N ALA C 19 17.60 11.19 5.47
CA ALA C 19 18.14 12.24 4.64
C ALA C 19 17.36 13.52 4.86
N TRP C 20 17.07 13.81 6.12
CA TRP C 20 16.21 14.94 6.47
C TRP C 20 16.74 16.23 5.86
N ASN C 21 15.81 17.10 5.45
CA ASN C 21 16.18 18.33 4.74
C ASN C 21 16.26 19.48 5.72
N ARG C 22 17.39 20.18 5.71
CA ARG C 22 17.63 21.31 6.59
C ARG C 22 17.62 22.61 5.79
N LYS C 23 16.90 23.61 6.29
CA LYS C 23 16.84 24.92 5.67
C LYS C 23 17.23 25.97 6.70
N ARG C 24 18.08 26.90 6.28
CA ARG C 24 18.54 27.99 7.14
C ARG C 24 17.72 29.24 6.90
N ILE C 25 17.36 29.92 7.99
CA ILE C 25 16.54 31.11 7.96
C ILE C 25 17.30 32.23 8.66
N SER C 26 17.38 33.38 7.98
CA SER C 26 18.24 34.47 8.39
C SER C 26 17.67 35.78 7.84
N ASN C 27 17.79 36.85 8.62
CA ASN C 27 17.38 38.19 8.20
C ASN C 27 15.91 38.20 7.77
N CYS C 28 15.05 37.99 8.76
CA CYS C 28 13.63 37.85 8.50
C CYS C 28 12.83 38.52 9.62
N VAL C 29 11.55 38.74 9.33
CA VAL C 29 10.54 39.04 10.34
C VAL C 29 9.66 37.80 10.41
N ALA C 30 9.78 37.05 11.50
CA ALA C 30 9.18 35.73 11.61
C ALA C 30 7.85 35.83 12.34
N ASP C 31 6.80 35.31 11.71
CA ASP C 31 5.47 35.25 12.30
C ASP C 31 5.22 33.82 12.75
N TYR C 32 5.32 33.59 14.06
CA TYR C 32 4.99 32.31 14.66
C TYR C 32 3.54 32.26 15.14
N SER C 33 2.67 33.07 14.54
CA SER C 33 1.27 33.11 14.95
C SER C 33 0.41 32.11 14.19
N VAL C 34 0.74 31.83 12.93
CA VAL C 34 -0.01 30.84 12.17
C VAL C 34 0.15 29.46 12.80
N LEU C 35 1.28 29.19 13.43
CA LEU C 35 1.58 27.88 13.98
C LEU C 35 0.93 27.68 15.35
N TYR C 36 1.27 28.54 16.31
CA TYR C 36 0.71 28.43 17.65
C TYR C 36 -0.82 28.45 17.63
N ASN C 37 -1.43 28.97 16.57
CA ASN C 37 -2.88 29.03 16.43
C ASN C 37 -3.27 28.36 15.10
N SER C 38 -3.45 27.05 15.15
CA SER C 38 -3.83 26.28 13.97
C SER C 38 -4.28 24.88 14.38
N ALA C 39 -5.43 24.45 13.89
CA ALA C 39 -6.00 23.16 14.24
C ALA C 39 -5.41 22.00 13.44
N SER C 40 -4.34 22.23 12.69
CA SER C 40 -3.75 21.18 11.86
C SER C 40 -2.67 20.40 12.58
N PHE C 41 -1.88 21.06 13.41
CA PHE C 41 -0.70 20.45 14.02
C PHE C 41 -1.13 19.60 15.22
N SER C 42 -1.18 18.29 15.01
CA SER C 42 -1.50 17.38 16.11
C SER C 42 -0.47 17.50 17.23
N THR C 43 0.81 17.38 16.88
CA THR C 43 1.89 17.48 17.86
C THR C 43 2.55 18.83 17.73
N PHE C 44 2.55 19.60 18.82
CA PHE C 44 3.25 20.88 18.88
C PHE C 44 3.88 20.98 20.27
N LYS C 45 5.17 20.70 20.35
CA LYS C 45 5.93 20.78 21.59
C LYS C 45 7.00 21.84 21.44
N CYS C 46 7.48 22.35 22.58
CA CYS C 46 8.49 23.39 22.58
C CYS C 46 9.37 23.22 23.80
N TYR C 47 10.68 23.17 23.58
CA TYR C 47 11.66 22.92 24.63
C TYR C 47 12.59 24.12 24.73
N GLY C 48 12.66 24.69 25.94
CA GLY C 48 13.52 25.82 26.20
C GLY C 48 12.82 27.16 26.15
N VAL C 49 11.57 27.20 25.70
CA VAL C 49 10.82 28.43 25.53
C VAL C 49 9.34 28.12 25.74
N SER C 50 8.53 29.17 25.81
CA SER C 50 7.09 29.06 25.94
C SER C 50 6.43 29.44 24.63
N PRO C 51 5.51 28.63 24.10
CA PRO C 51 5.05 28.85 22.72
C PRO C 51 4.15 30.06 22.54
N THR C 52 3.71 30.70 23.62
CA THR C 52 2.85 31.88 23.52
C THR C 52 3.66 33.18 23.52
N LYS C 53 4.97 33.11 23.72
CA LYS C 53 5.83 34.27 23.80
C LYS C 53 7.00 34.13 22.84
N LEU C 54 6.71 33.76 21.59
CA LEU C 54 7.75 33.58 20.59
C LEU C 54 8.02 34.85 19.81
N ASN C 55 6.99 35.68 19.58
CA ASN C 55 7.16 36.93 18.86
C ASN C 55 7.92 37.98 19.67
N ASP C 56 8.36 37.67 20.88
CA ASP C 56 9.02 38.63 21.75
C ASP C 56 10.51 38.38 21.88
N LEU C 57 11.07 37.46 21.09
CA LEU C 57 12.50 37.16 21.13
C LEU C 57 13.14 37.56 19.81
N CYS C 58 14.47 37.42 19.77
CA CYS C 58 15.24 37.85 18.60
C CYS C 58 16.50 36.98 18.54
N PHE C 59 16.45 35.95 17.70
CA PHE C 59 17.54 35.01 17.56
C PHE C 59 18.46 35.43 16.41
N THR C 60 19.55 34.69 16.24
CA THR C 60 20.52 34.97 15.20
C THR C 60 20.24 34.16 13.94
N ASN C 61 19.99 32.86 14.09
CA ASN C 61 19.65 32.02 12.95
C ASN C 61 18.56 31.06 13.37
N VAL C 62 17.86 30.51 12.37
CA VAL C 62 16.89 29.46 12.63
C VAL C 62 17.13 28.33 11.65
N TYR C 63 16.96 27.10 12.13
CA TYR C 63 17.15 25.91 11.30
C TYR C 63 15.85 25.11 11.30
N ALA C 64 15.37 24.78 10.12
CA ALA C 64 14.15 24.00 9.96
C ALA C 64 14.50 22.66 9.33
N ASP C 65 14.33 21.59 10.10
CA ASP C 65 14.62 20.23 9.66
C ASP C 65 13.32 19.51 9.41
N SER C 66 13.14 18.99 8.20
CA SER C 66 11.88 18.42 7.76
C SER C 66 12.09 16.98 7.32
N PHE C 67 11.14 16.12 7.70
CA PHE C 67 11.16 14.72 7.27
C PHE C 67 9.80 14.09 7.52
N VAL C 68 9.70 12.81 7.20
CA VAL C 68 8.49 12.01 7.37
C VAL C 68 8.84 10.75 8.14
N ILE C 69 7.95 10.33 9.04
CA ILE C 69 8.14 9.12 9.83
C ILE C 69 6.79 8.46 10.06
N ARG C 70 6.82 7.34 10.79
CA ARG C 70 5.60 6.69 11.25
C ARG C 70 4.88 7.58 12.25
N GLY C 71 3.70 7.13 12.66
CA GLY C 71 2.93 7.84 13.66
C GLY C 71 3.24 7.49 15.08
N ASP C 72 3.90 6.35 15.30
CA ASP C 72 4.30 5.93 16.64
C ASP C 72 5.73 6.33 16.99
N GLU C 73 6.50 6.80 16.02
CA GLU C 73 7.88 7.20 16.24
C GLU C 73 8.03 8.71 16.43
N VAL C 74 6.96 9.39 16.83
CA VAL C 74 7.04 10.82 17.07
C VAL C 74 7.47 11.14 18.49
N ARG C 75 7.23 10.23 19.44
CA ARG C 75 7.77 10.39 20.78
C ARG C 75 9.28 10.25 20.81
N GLN C 76 9.88 9.64 19.78
CA GLN C 76 11.32 9.53 19.70
C GLN C 76 12.00 10.83 19.32
N ILE C 77 11.24 11.80 18.82
CA ILE C 77 11.78 13.09 18.42
C ILE C 77 11.72 13.97 19.66
N ALA C 78 12.75 13.87 20.49
CA ALA C 78 12.87 14.67 21.70
C ALA C 78 14.23 14.41 22.33
N PRO C 79 14.70 15.31 23.18
CA PRO C 79 15.99 15.09 23.83
C PRO C 79 15.97 13.90 24.78
N GLY C 80 17.12 13.25 24.86
CA GLY C 80 17.27 12.12 25.77
C GLY C 80 16.27 11.02 25.52
N GLN C 81 16.22 10.53 24.29
CA GLN C 81 15.30 9.47 23.89
C GLN C 81 16.09 8.32 23.27
N THR C 82 15.38 7.23 23.02
CA THR C 82 15.98 6.00 22.52
C THR C 82 15.05 5.39 21.49
N GLY C 83 15.63 4.73 20.50
CA GLY C 83 14.86 4.06 19.48
C GLY C 83 15.62 4.01 18.18
N LYS C 84 14.92 3.52 17.16
CA LYS C 84 15.50 3.39 15.83
C LYS C 84 15.67 4.73 15.15
N ILE C 85 14.85 5.71 15.50
CA ILE C 85 14.91 7.03 14.87
C ILE C 85 15.83 7.97 15.63
N ALA C 86 15.95 7.81 16.94
CA ALA C 86 16.71 8.72 17.78
C ALA C 86 18.13 8.24 18.03
N ASP C 87 18.58 7.19 17.34
CA ASP C 87 19.92 6.67 17.54
C ASP C 87 20.62 6.43 16.20
N TYR C 88 19.86 6.18 15.14
CA TYR C 88 20.41 5.86 13.85
C TYR C 88 20.06 6.82 12.73
N ASN C 89 18.98 7.61 12.88
CA ASN C 89 18.50 8.46 11.80
C ASN C 89 18.55 9.94 12.13
N TYR C 90 17.94 10.35 13.23
CA TYR C 90 17.88 11.77 13.58
C TYR C 90 17.98 11.89 15.10
N LYS C 91 19.01 12.59 15.57
CA LYS C 91 19.30 12.71 16.99
C LYS C 91 19.35 14.17 17.40
N LEU C 92 18.57 14.53 18.40
CA LEU C 92 18.59 15.87 18.97
C LEU C 92 19.51 15.91 20.18
N PRO C 93 20.11 17.07 20.47
CA PRO C 93 20.93 17.16 21.69
C PRO C 93 20.09 17.24 22.94
N ASP C 94 20.74 17.36 24.09
CA ASP C 94 20.05 17.48 25.37
C ASP C 94 19.79 18.92 25.79
N ASP C 95 20.68 19.83 25.45
CA ASP C 95 20.45 21.27 25.67
C ASP C 95 19.76 21.88 24.46
N PHE C 96 18.57 21.37 24.17
CA PHE C 96 17.84 21.72 22.97
C PHE C 96 16.95 22.93 23.22
N THR C 97 16.98 23.87 22.27
CA THR C 97 16.16 25.07 22.31
C THR C 97 15.42 25.16 20.98
N GLY C 98 14.11 24.96 21.01
CA GLY C 98 13.34 24.99 19.78
C GLY C 98 11.96 24.41 19.97
N CYS C 99 11.40 23.92 18.86
CA CYS C 99 10.02 23.46 18.84
C CYS C 99 9.86 22.36 17.80
N VAL C 100 9.11 21.32 18.17
CA VAL C 100 8.84 20.17 17.31
C VAL C 100 7.37 20.23 16.91
N ILE C 101 7.10 20.08 15.61
CA ILE C 101 5.75 20.07 15.09
C ILE C 101 5.58 18.82 14.22
N ALA C 102 4.40 18.21 14.30
CA ALA C 102 4.11 17.02 13.53
C ALA C 102 2.63 16.94 13.23
N TRP C 103 2.31 16.50 12.01
CA TRP C 103 0.92 16.38 11.59
C TRP C 103 0.78 15.24 10.60
N ASN C 104 -0.43 14.66 10.55
CA ASN C 104 -0.69 13.52 9.71
C ASN C 104 -0.75 13.91 8.23
N SER C 105 -0.28 12.99 7.38
CA SER C 105 -0.21 13.21 5.95
C SER C 105 -0.62 11.95 5.20
N ASN C 106 -1.63 11.25 5.70
CA ASN C 106 -2.07 10.01 5.07
C ASN C 106 -2.65 10.24 3.68
N ASN C 107 -3.11 11.45 3.38
CA ASN C 107 -3.73 11.72 2.11
C ASN C 107 -2.71 11.96 1.00
N LEU C 108 -1.51 12.44 1.35
CA LEU C 108 -0.49 12.76 0.37
C LEU C 108 0.61 11.71 0.27
N ASP C 109 0.96 11.05 1.37
CA ASP C 109 2.07 10.13 1.40
C ASP C 109 1.66 8.67 1.32
N SER C 110 0.36 8.38 1.31
CA SER C 110 -0.15 7.02 1.21
C SER C 110 -0.60 6.73 -0.22
N LYS C 111 -0.84 5.45 -0.47
CA LYS C 111 -1.23 5.00 -1.81
C LYS C 111 -1.77 3.58 -1.75
N VAL C 112 -2.89 3.33 -2.40
CA VAL C 112 -3.43 1.98 -2.49
C VAL C 112 -2.40 1.11 -3.20
N GLY C 113 -1.98 0.04 -2.54
CA GLY C 113 -0.91 -0.79 -3.04
C GLY C 113 0.35 -0.62 -2.21
N GLY C 114 0.62 0.60 -1.79
CA GLY C 114 1.74 0.90 -0.93
C GLY C 114 2.71 1.90 -1.52
N ASN C 115 3.14 2.86 -0.72
CA ASN C 115 4.15 3.83 -1.09
C ASN C 115 5.45 3.43 -0.41
N TYR C 116 6.35 2.81 -1.17
CA TYR C 116 7.62 2.30 -0.65
C TYR C 116 8.78 3.23 -0.95
N ASN C 117 8.53 4.54 -0.93
CA ASN C 117 9.56 5.53 -1.25
C ASN C 117 10.19 6.17 -0.03
N TYR C 118 9.53 6.09 1.13
CA TYR C 118 10.08 6.62 2.37
C TYR C 118 10.81 5.52 3.10
N ARG C 119 12.06 5.79 3.48
CA ARG C 119 12.95 4.78 4.03
C ARG C 119 13.52 5.23 5.36
N TYR C 120 14.02 4.26 6.11
CA TYR C 120 14.66 4.49 7.40
C TYR C 120 15.90 3.62 7.48
N ARG C 121 16.87 4.08 8.27
CA ARG C 121 18.07 3.30 8.54
C ARG C 121 17.80 2.35 9.69
N LEU C 122 17.99 1.05 9.43
CA LEU C 122 17.68 0.02 10.39
C LEU C 122 18.91 -0.51 11.12
N PHE C 123 20.05 -0.54 10.45
CA PHE C 123 21.27 -1.15 10.98
C PHE C 123 22.39 -0.14 11.00
N ARG C 124 23.12 -0.09 12.12
CA ARG C 124 24.29 0.75 12.26
C ARG C 124 25.14 0.20 13.39
N LYS C 125 26.46 0.22 13.21
CA LYS C 125 27.39 -0.31 14.19
C LYS C 125 27.64 0.65 15.35
N SER C 126 26.93 1.76 15.41
CA SER C 126 27.11 2.75 16.47
C SER C 126 25.87 3.63 16.51
N ASN C 127 25.95 4.69 17.30
CA ASN C 127 24.87 5.65 17.45
C ASN C 127 25.30 6.99 16.89
N LEU C 128 24.36 7.69 16.26
CA LEU C 128 24.67 8.96 15.66
C LEU C 128 25.02 9.99 16.72
N LYS C 129 25.68 11.05 16.27
CA LYS C 129 25.87 12.23 17.08
C LYS C 129 24.76 13.24 16.81
N PRO C 130 24.53 14.17 17.74
CA PRO C 130 23.46 15.14 17.53
C PRO C 130 23.63 15.92 16.23
N PHE C 131 22.53 16.05 15.50
CA PHE C 131 22.52 16.73 14.21
C PHE C 131 23.59 16.17 13.27
N GLU C 132 23.51 14.86 13.02
CA GLU C 132 24.41 14.18 12.12
C GLU C 132 23.59 13.39 11.11
N ARG C 133 24.09 13.36 9.87
CA ARG C 133 23.48 12.64 8.78
C ARG C 133 24.34 11.45 8.40
N ASP C 134 23.70 10.41 7.86
CA ASP C 134 24.42 9.22 7.39
C ASP C 134 23.67 8.69 6.18
N ILE C 135 24.12 9.07 4.99
CA ILE C 135 23.53 8.60 3.74
C ILE C 135 24.29 7.42 3.16
N SER C 136 25.31 6.93 3.85
CA SER C 136 26.05 5.78 3.36
C SER C 136 25.14 4.57 3.22
N THR C 137 25.36 3.81 2.14
CA THR C 137 24.58 2.60 1.86
C THR C 137 25.46 1.37 1.93
N GLU C 138 26.53 1.43 2.73
CA GLU C 138 27.40 0.28 2.86
C GLU C 138 26.66 -0.90 3.46
N ILE C 139 27.21 -2.09 3.25
CA ILE C 139 26.54 -3.33 3.65
C ILE C 139 26.85 -3.63 5.11
N TYR C 140 25.87 -4.15 5.82
CA TYR C 140 25.95 -4.38 7.25
C TYR C 140 26.48 -5.78 7.49
N GLN C 141 27.67 -5.87 8.09
CA GLN C 141 28.31 -7.15 8.38
C GLN C 141 27.94 -7.56 9.80
N ALA C 142 27.16 -8.64 9.91
CA ALA C 142 26.76 -9.18 11.20
C ALA C 142 27.29 -10.59 11.43
N GLY C 143 28.22 -11.05 10.60
CA GLY C 143 28.78 -12.37 10.73
C GLY C 143 30.29 -12.38 10.79
N SER C 144 30.88 -13.52 10.44
CA SER C 144 32.33 -13.68 10.48
C SER C 144 33.02 -13.34 9.16
N LYS C 145 32.26 -13.24 8.07
CA LYS C 145 32.85 -12.97 6.77
C LYS C 145 32.69 -11.51 6.40
N PRO C 146 33.59 -10.97 5.57
CA PRO C 146 33.38 -9.64 5.02
C PRO C 146 32.37 -9.65 3.90
N CYS C 147 31.66 -8.53 3.75
CA CYS C 147 30.55 -8.45 2.83
C CYS C 147 30.97 -8.02 1.43
N ASN C 148 32.04 -7.23 1.31
CA ASN C 148 32.54 -6.81 0.00
C ASN C 148 31.45 -6.15 -0.83
N GLY C 149 30.66 -5.30 -0.19
CA GLY C 149 29.58 -4.60 -0.87
C GLY C 149 28.63 -5.52 -1.59
N VAL C 150 28.56 -6.77 -1.16
CA VAL C 150 27.73 -7.79 -1.78
C VAL C 150 26.84 -8.41 -0.71
N GLU C 151 25.52 -8.39 -0.95
CA GLU C 151 24.58 -8.94 0.00
C GLU C 151 24.70 -10.45 0.08
N GLY C 152 24.10 -11.02 1.12
CA GLY C 152 24.17 -12.45 1.32
C GLY C 152 23.80 -12.81 2.75
N PHE C 153 24.42 -13.89 3.24
CA PHE C 153 24.13 -14.40 4.57
C PHE C 153 24.77 -13.49 5.62
N ASN C 154 23.93 -12.92 6.48
CA ASN C 154 24.39 -12.05 7.56
C ASN C 154 25.00 -10.76 7.03
N CYS C 155 24.90 -10.53 5.72
CA CYS C 155 25.29 -9.26 5.11
C CYS C 155 24.02 -8.64 4.54
N TYR C 156 23.52 -7.59 5.20
CA TYR C 156 22.21 -7.04 4.93
C TYR C 156 22.31 -5.58 4.53
N PHE C 157 21.26 -5.10 3.85
CA PHE C 157 21.14 -3.71 3.44
C PHE C 157 20.47 -2.90 4.54
N PRO C 158 21.03 -1.76 4.94
CA PRO C 158 20.55 -1.09 6.16
C PRO C 158 19.35 -0.19 5.96
N LEU C 159 19.08 0.25 4.74
CA LEU C 159 17.99 1.16 4.45
C LEU C 159 16.77 0.36 4.02
N GLN C 160 15.67 0.53 4.75
CA GLN C 160 14.47 -0.25 4.53
C GLN C 160 13.25 0.66 4.44
N SER C 161 12.28 0.24 3.64
CA SER C 161 11.18 1.09 3.25
C SER C 161 10.00 0.94 4.20
N TYR C 162 9.40 2.08 4.56
CA TYR C 162 8.10 2.05 5.22
C TYR C 162 7.05 1.48 4.27
N GLY C 163 5.98 0.97 4.85
CA GLY C 163 4.82 0.57 4.07
C GLY C 163 3.61 1.40 4.44
N PHE C 164 3.20 2.28 3.54
CA PHE C 164 2.15 3.25 3.82
C PHE C 164 0.95 2.95 2.94
N GLN C 165 -0.15 2.52 3.57
CA GLN C 165 -1.42 2.31 2.92
C GLN C 165 -2.50 3.12 3.63
N PRO C 166 -3.56 3.52 2.94
CA PRO C 166 -4.58 4.35 3.59
C PRO C 166 -5.40 3.60 4.63
N THR C 167 -5.54 2.28 4.49
CA THR C 167 -6.34 1.49 5.41
C THR C 167 -5.57 1.05 6.65
N ASN C 168 -4.38 1.61 6.87
CA ASN C 168 -3.59 1.23 8.04
C ASN C 168 -4.14 1.89 9.29
N GLY C 169 -3.44 1.69 10.41
CA GLY C 169 -3.81 2.29 11.66
C GLY C 169 -3.08 3.60 11.91
N VAL C 170 -3.56 4.33 12.92
CA VAL C 170 -3.07 5.67 13.21
C VAL C 170 -1.65 5.62 13.75
N GLY C 171 -1.15 4.41 14.01
CA GLY C 171 0.20 4.25 14.53
C GLY C 171 1.16 3.80 13.45
N TYR C 172 0.61 3.28 12.36
CA TYR C 172 1.39 2.89 11.20
C TYR C 172 1.09 3.77 10.00
N GLN C 173 0.68 5.01 10.26
CA GLN C 173 0.36 6.01 9.26
C GLN C 173 1.47 7.05 9.19
N PRO C 174 1.58 7.75 8.07
CA PRO C 174 2.65 8.73 7.93
C PRO C 174 2.37 10.02 8.69
N TYR C 175 3.44 10.59 9.23
CA TYR C 175 3.40 11.88 9.92
C TYR C 175 4.58 12.70 9.44
N ARG C 176 4.30 13.93 9.03
CA ARG C 176 5.34 14.87 8.62
C ARG C 176 5.75 15.71 9.80
N VAL C 177 7.06 15.90 9.95
CA VAL C 177 7.65 16.50 11.13
C VAL C 177 8.59 17.62 10.70
N VAL C 178 8.46 18.76 11.37
CA VAL C 178 9.34 19.91 11.21
C VAL C 178 9.88 20.28 12.59
N VAL C 179 11.20 20.34 12.70
CA VAL C 179 11.91 20.73 13.91
C VAL C 179 12.52 22.10 13.67
N LEU C 180 12.18 23.07 14.53
CA LEU C 180 12.73 24.42 14.46
C LEU C 180 13.74 24.57 15.59
N SER C 181 14.97 24.88 15.23
CA SER C 181 16.07 25.07 16.17
C SER C 181 16.54 26.51 16.10
N PHE C 182 16.43 27.21 17.22
CA PHE C 182 16.84 28.60 17.30
C PHE C 182 18.30 28.69 17.74
N GLU C 183 19.03 29.63 17.14
CA GLU C 183 20.44 29.80 17.40
C GLU C 183 20.68 31.27 17.76
N LEU C 184 20.95 31.52 19.04
CA LEU C 184 21.25 32.83 19.57
C LEU C 184 22.73 32.89 19.93
N LEU C 185 23.48 33.73 19.22
CA LEU C 185 24.92 33.84 19.40
C LEU C 185 25.28 35.25 19.86
N HIS C 186 26.59 35.49 19.99
CA HIS C 186 27.09 36.78 20.42
C HIS C 186 26.94 37.86 19.36
N ALA C 187 26.45 37.52 18.18
CA ALA C 187 26.26 38.47 17.09
C ALA C 187 24.88 39.08 17.17
N PRO C 188 24.60 40.11 16.36
CA PRO C 188 23.28 40.73 16.39
C PRO C 188 22.18 39.72 16.07
N ALA C 189 20.95 40.18 16.23
CA ALA C 189 19.76 39.35 16.06
C ALA C 189 19.05 39.76 14.79
N THR C 190 19.01 38.85 13.81
CA THR C 190 18.44 39.14 12.50
C THR C 190 17.07 38.51 12.30
N VAL C 191 16.58 37.72 13.25
CA VAL C 191 15.26 37.10 13.15
C VAL C 191 14.47 37.58 14.36
N CYS C 192 13.73 38.67 14.17
CA CYS C 192 12.88 39.24 15.19
C CYS C 192 11.42 39.12 14.79
N GLY C 193 10.54 39.20 15.77
CA GLY C 193 9.13 39.13 15.51
C GLY C 193 8.56 40.43 14.99
N PRO C 194 7.28 40.41 14.67
CA PRO C 194 6.63 41.58 14.09
C PRO C 194 6.08 42.53 15.14
N LYS C 195 5.65 43.69 14.68
CA LYS C 195 5.09 44.72 15.55
C LYS C 195 3.91 45.41 14.89
N GLU D 1 -15.36 -2.79 -16.25
CA GLU D 1 -14.04 -2.19 -16.47
C GLU D 1 -13.90 -0.94 -15.61
N VAL D 2 -12.67 -0.69 -15.14
CA VAL D 2 -12.42 0.51 -14.36
C VAL D 2 -12.65 1.72 -15.25
N GLN D 3 -13.58 2.58 -14.83
CA GLN D 3 -13.93 3.73 -15.64
C GLN D 3 -14.59 4.79 -14.78
N LEU D 4 -14.76 5.97 -15.37
CA LEU D 4 -15.45 7.10 -14.77
C LEU D 4 -16.54 7.57 -15.73
N VAL D 5 -17.76 7.70 -15.23
CA VAL D 5 -18.91 8.13 -16.00
C VAL D 5 -19.29 9.53 -15.56
N GLN D 6 -19.55 10.40 -16.53
CA GLN D 6 -19.88 11.79 -16.27
C GLN D 6 -21.30 12.08 -16.75
N SER D 7 -21.93 13.06 -16.12
CA SER D 7 -23.25 13.50 -16.55
C SER D 7 -23.20 13.96 -18.00
N GLY D 8 -24.38 14.01 -18.61
CA GLY D 8 -24.50 14.38 -20.01
C GLY D 8 -24.20 15.84 -20.24
N ALA D 9 -24.28 16.23 -21.51
CA ALA D 9 -24.03 17.61 -21.89
C ALA D 9 -25.01 18.53 -21.18
N GLU D 10 -24.74 19.84 -21.29
CA GLU D 10 -25.56 20.83 -20.61
C GLU D 10 -25.60 22.11 -21.42
N VAL D 11 -26.80 22.68 -21.53
CA VAL D 11 -27.01 24.01 -22.08
C VAL D 11 -27.61 24.87 -20.98
N LYS D 12 -27.07 26.09 -20.83
CA LYS D 12 -27.47 26.94 -19.72
C LYS D 12 -27.48 28.39 -20.20
N LYS D 13 -27.78 29.28 -19.28
CA LYS D 13 -27.78 30.72 -19.50
C LYS D 13 -27.04 31.40 -18.36
N PRO D 14 -26.58 32.63 -18.57
CA PRO D 14 -25.85 33.32 -17.50
C PRO D 14 -26.66 33.42 -16.22
N GLY D 15 -25.95 33.65 -15.12
CA GLY D 15 -26.58 33.77 -13.81
C GLY D 15 -26.95 32.46 -13.15
N GLU D 16 -27.56 31.55 -13.89
CA GLU D 16 -27.99 30.29 -13.32
C GLU D 16 -26.82 29.54 -12.68
N SER D 17 -27.16 28.59 -11.82
CA SER D 17 -26.19 27.72 -11.19
C SER D 17 -26.17 26.37 -11.90
N LEU D 18 -25.15 25.57 -11.60
CA LEU D 18 -25.00 24.29 -12.25
C LEU D 18 -24.24 23.33 -11.35
N LYS D 19 -24.50 22.04 -11.53
CA LYS D 19 -23.79 21.00 -10.80
C LYS D 19 -23.67 19.78 -11.71
N ILE D 20 -22.42 19.33 -11.92
CA ILE D 20 -22.15 18.15 -12.73
C ILE D 20 -21.43 17.13 -11.87
N SER D 21 -21.51 15.87 -12.27
CA SER D 21 -21.10 14.75 -11.45
C SER D 21 -20.20 13.80 -12.22
N CYS D 22 -19.35 13.09 -11.47
CA CYS D 22 -18.54 12.01 -12.01
C CYS D 22 -18.54 10.85 -11.01
N LYS D 23 -18.81 9.65 -11.51
CA LYS D 23 -18.86 8.45 -10.68
C LYS D 23 -17.85 7.43 -11.19
N GLY D 24 -17.14 6.80 -10.26
CA GLY D 24 -16.11 5.83 -10.60
C GLY D 24 -16.57 4.42 -10.31
N SER D 25 -16.13 3.48 -11.15
CA SER D 25 -16.56 2.09 -11.00
C SER D 25 -15.46 1.17 -11.48
N GLY D 26 -15.07 0.21 -10.63
CA GLY D 26 -14.10 -0.81 -10.99
C GLY D 26 -12.92 -0.92 -10.05
N TYR D 27 -13.00 -0.29 -8.89
CA TYR D 27 -11.90 -0.29 -7.93
C TYR D 27 -12.48 0.04 -6.55
N SER D 28 -11.61 0.40 -5.61
CA SER D 28 -12.05 0.92 -4.32
C SER D 28 -12.57 2.34 -4.49
N PHE D 29 -13.58 2.50 -5.34
CA PHE D 29 -14.02 3.82 -5.77
C PHE D 29 -14.63 4.62 -4.63
N THR D 30 -15.19 3.94 -3.63
CA THR D 30 -15.89 4.65 -2.57
C THR D 30 -15.02 5.71 -1.90
N SER D 31 -13.70 5.56 -1.93
CA SER D 31 -12.81 6.51 -1.27
C SER D 31 -11.38 6.14 -1.60
N TYR D 32 -10.44 6.86 -1.00
CA TYR D 32 -9.00 6.58 -1.04
C TYR D 32 -8.38 6.97 -2.37
N TYR D 33 -9.04 7.79 -3.17
CA TYR D 33 -8.49 8.30 -4.41
C TYR D 33 -8.91 9.74 -4.57
N TRP D 34 -8.00 10.55 -5.11
CA TRP D 34 -8.30 11.95 -5.39
C TRP D 34 -9.02 12.05 -6.72
N ILE D 35 -10.18 12.72 -6.71
CA ILE D 35 -10.96 12.97 -7.92
C ILE D 35 -10.85 14.45 -8.25
N GLY D 36 -10.53 14.76 -9.50
CA GLY D 36 -10.29 16.14 -9.89
C GLY D 36 -10.94 16.45 -11.22
N TRP D 37 -10.86 17.72 -11.58
CA TRP D 37 -11.50 18.24 -12.78
C TRP D 37 -10.49 18.99 -13.63
N VAL D 38 -10.64 18.84 -14.95
CA VAL D 38 -9.74 19.43 -15.94
C VAL D 38 -10.59 20.08 -17.01
N ARG D 39 -10.23 21.30 -17.40
CA ARG D 39 -10.99 22.11 -18.34
C ARG D 39 -10.28 22.19 -19.68
N GLN D 40 -11.07 22.27 -20.74
CA GLN D 40 -10.55 22.45 -22.10
C GLN D 40 -11.47 23.40 -22.85
N MET D 41 -10.95 24.55 -23.22
CA MET D 41 -11.69 25.49 -24.04
C MET D 41 -11.71 25.03 -25.49
N PRO D 42 -12.69 25.48 -26.29
CA PRO D 42 -12.78 25.03 -27.68
C PRO D 42 -11.51 25.37 -28.46
N GLY D 43 -10.81 24.33 -28.90
CA GLY D 43 -9.60 24.51 -29.68
C GLY D 43 -8.49 25.18 -28.92
N LYS D 44 -8.15 24.66 -27.74
CA LYS D 44 -7.10 25.21 -26.91
C LYS D 44 -6.56 24.10 -26.01
N GLY D 45 -5.73 24.48 -25.04
CA GLY D 45 -5.06 23.53 -24.19
C GLY D 45 -5.91 23.09 -23.01
N LEU D 46 -5.25 22.42 -22.07
CA LEU D 46 -5.89 21.88 -20.88
C LEU D 46 -5.51 22.72 -19.66
N GLU D 47 -6.50 22.99 -18.82
CA GLU D 47 -6.31 23.76 -17.60
C GLU D 47 -6.83 22.95 -16.43
N TRP D 48 -6.02 22.87 -15.37
CA TRP D 48 -6.37 22.11 -14.18
C TRP D 48 -7.15 22.99 -13.21
N MET D 49 -8.16 22.39 -12.57
CA MET D 49 -9.05 23.12 -11.69
C MET D 49 -8.85 22.72 -10.23
N GLY D 50 -8.97 21.45 -9.90
CA GLY D 50 -8.84 21.05 -8.52
C GLY D 50 -9.06 19.57 -8.34
N ILE D 51 -8.84 19.13 -7.09
CA ILE D 51 -8.95 17.74 -6.68
C ILE D 51 -9.59 17.69 -5.30
N VAL D 52 -10.16 16.53 -4.97
CA VAL D 52 -10.88 16.32 -3.72
C VAL D 52 -10.64 14.89 -3.26
N TYR D 53 -10.45 14.74 -1.94
CA TYR D 53 -10.33 13.45 -1.28
C TYR D 53 -11.69 13.08 -0.69
N PRO D 54 -12.37 12.05 -1.19
CA PRO D 54 -13.72 11.77 -0.69
C PRO D 54 -13.78 11.46 0.79
N ASP D 55 -12.85 10.64 1.30
CA ASP D 55 -12.91 10.22 2.68
C ASP D 55 -12.95 11.41 3.64
N ASP D 56 -11.88 12.18 3.67
CA ASP D 56 -11.78 13.33 4.57
C ASP D 56 -12.39 14.59 3.98
N SER D 57 -12.87 14.54 2.74
CA SER D 57 -13.48 15.70 2.09
C SER D 57 -12.53 16.89 2.03
N ASP D 58 -11.22 16.61 1.99
CA ASP D 58 -10.26 17.64 1.71
C ASP D 58 -10.44 18.16 0.29
N THR D 59 -9.73 19.23 -0.04
CA THR D 59 -9.88 19.84 -1.35
C THR D 59 -8.66 20.71 -1.64
N ARG D 60 -8.26 20.72 -2.91
CA ARG D 60 -7.16 21.57 -3.36
C ARG D 60 -7.53 22.17 -4.71
N TYR D 61 -7.49 23.49 -4.80
CA TYR D 61 -7.86 24.21 -6.00
C TYR D 61 -6.63 24.85 -6.63
N SER D 62 -6.83 25.36 -7.80
CA SER D 62 -5.85 26.18 -8.49
C SER D 62 -6.18 27.66 -8.33
N PRO D 63 -5.18 28.54 -8.33
CA PRO D 63 -5.48 29.97 -8.16
C PRO D 63 -6.47 30.51 -9.18
N SER D 64 -6.34 30.10 -10.45
CA SER D 64 -7.21 30.61 -11.48
C SER D 64 -8.68 30.25 -11.25
N PHE D 65 -8.96 29.28 -10.38
CA PHE D 65 -10.31 28.82 -10.14
C PHE D 65 -10.73 28.87 -8.69
N GLN D 66 -9.84 29.22 -7.77
CA GLN D 66 -10.22 29.34 -6.36
C GLN D 66 -11.31 30.40 -6.22
N GLY D 67 -12.45 29.98 -5.66
CA GLY D 67 -13.54 30.90 -5.42
C GLY D 67 -14.66 30.79 -6.43
N GLN D 68 -14.30 30.65 -7.71
CA GLN D 68 -15.30 30.58 -8.76
C GLN D 68 -16.12 29.29 -8.68
N VAL D 69 -15.44 28.15 -8.69
CA VAL D 69 -16.11 26.85 -8.70
C VAL D 69 -16.03 26.24 -7.32
N THR D 70 -16.84 25.20 -7.11
CA THR D 70 -16.79 24.39 -5.90
C THR D 70 -16.65 22.94 -6.30
N ILE D 71 -15.72 22.22 -5.67
CA ILE D 71 -15.51 20.80 -5.93
C ILE D 71 -15.77 20.05 -4.63
N SER D 72 -16.72 19.13 -4.66
CA SER D 72 -17.14 18.39 -3.49
C SER D 72 -17.21 16.90 -3.84
N ALA D 73 -17.53 16.09 -2.84
CA ALA D 73 -17.56 14.65 -3.04
C ALA D 73 -18.61 14.03 -2.12
N ASP D 74 -18.90 12.75 -2.38
CA ASP D 74 -19.80 11.97 -1.56
C ASP D 74 -19.31 10.52 -1.63
N LYS D 75 -18.83 10.02 -0.49
CA LYS D 75 -18.24 8.68 -0.45
C LYS D 75 -19.29 7.59 -0.44
N SER D 76 -20.47 7.86 0.13
CA SER D 76 -21.54 6.87 0.17
C SER D 76 -21.79 6.27 -1.21
N ILE D 77 -22.13 7.13 -2.18
CA ILE D 77 -22.37 6.68 -3.55
C ILE D 77 -21.14 6.83 -4.43
N SER D 78 -20.03 7.34 -3.90
CA SER D 78 -18.77 7.45 -4.65
C SER D 78 -18.94 8.34 -5.87
N THR D 79 -19.25 9.61 -5.61
CA THR D 79 -19.53 10.56 -6.69
C THR D 79 -18.94 11.91 -6.35
N ALA D 80 -18.23 12.51 -7.30
CA ALA D 80 -17.65 13.84 -7.16
C ALA D 80 -18.49 14.85 -7.92
N TYR D 81 -18.49 16.09 -7.43
CA TYR D 81 -19.39 17.13 -7.92
C TYR D 81 -18.60 18.41 -8.18
N LEU D 82 -18.94 19.07 -9.29
CA LEU D 82 -18.45 20.40 -9.62
C LEU D 82 -19.64 21.35 -9.71
N GLN D 83 -19.51 22.52 -9.10
CA GLN D 83 -20.64 23.41 -8.87
C GLN D 83 -20.29 24.84 -9.22
N TRP D 84 -21.21 25.49 -9.94
CA TRP D 84 -21.15 26.91 -10.24
C TRP D 84 -22.38 27.59 -9.64
N SER D 85 -22.18 28.81 -9.13
CA SER D 85 -23.28 29.62 -8.65
C SER D 85 -23.81 30.55 -9.73
N SER D 86 -22.93 31.41 -10.27
CA SER D 86 -23.27 32.32 -11.36
C SER D 86 -22.42 31.96 -12.57
N LEU D 87 -23.07 31.59 -13.66
CA LEU D 87 -22.39 31.22 -14.89
C LEU D 87 -22.08 32.45 -15.73
N LYS D 88 -21.13 32.30 -16.65
CA LYS D 88 -20.79 33.33 -17.61
C LYS D 88 -20.58 32.66 -18.96
N ALA D 89 -20.40 33.48 -20.00
CA ALA D 89 -20.17 32.95 -21.33
C ALA D 89 -18.80 32.29 -21.45
N SER D 90 -17.85 32.62 -20.56
CA SER D 90 -16.53 32.03 -20.62
C SER D 90 -16.51 30.59 -20.15
N ASP D 91 -17.53 30.15 -19.44
CA ASP D 91 -17.59 28.80 -18.89
C ASP D 91 -18.03 27.76 -19.90
N THR D 92 -17.98 28.08 -21.19
CA THR D 92 -18.37 27.17 -22.26
C THR D 92 -17.16 26.33 -22.64
N ALA D 93 -17.22 25.02 -22.35
CA ALA D 93 -16.03 24.20 -22.50
C ALA D 93 -16.29 22.72 -22.26
N MET D 94 -15.25 21.90 -22.41
CA MET D 94 -15.30 20.48 -22.07
C MET D 94 -14.64 20.28 -20.71
N TYR D 95 -15.23 19.43 -19.88
CA TYR D 95 -14.73 19.17 -18.55
C TYR D 95 -14.56 17.67 -18.36
N TYR D 96 -13.40 17.27 -17.85
CA TYR D 96 -13.04 15.87 -17.67
C TYR D 96 -12.76 15.61 -16.19
N CYS D 97 -13.30 14.50 -15.68
CA CYS D 97 -12.96 14.06 -14.33
C CYS D 97 -11.81 13.07 -14.39
N VAL D 98 -10.87 13.23 -13.46
CA VAL D 98 -9.59 12.54 -13.51
C VAL D 98 -9.29 11.96 -12.13
N ARG D 99 -8.47 10.91 -12.11
CA ARG D 99 -8.10 10.21 -10.90
C ARG D 99 -6.58 10.16 -10.77
N HIS D 100 -6.11 10.35 -9.54
CA HIS D 100 -4.70 10.29 -9.18
C HIS D 100 -4.33 8.90 -8.64
N PRO D 101 -3.19 8.34 -9.06
CA PRO D 101 -2.60 7.22 -8.31
C PRO D 101 -1.64 7.73 -7.25
N GLY D 102 -2.21 8.25 -6.16
CA GLY D 102 -1.48 9.11 -5.26
C GLY D 102 -0.26 8.49 -4.61
N GLY D 103 0.38 9.25 -3.72
CA GLY D 103 1.58 8.81 -3.06
C GLY D 103 2.84 9.18 -3.80
N GLY D 104 2.91 10.42 -4.25
CA GLY D 104 4.03 10.90 -5.04
C GLY D 104 3.86 10.74 -6.53
N ASP D 105 2.90 9.94 -6.97
CA ASP D 105 2.60 9.75 -8.38
C ASP D 105 1.35 10.56 -8.68
N TRP D 106 1.55 11.84 -9.00
CA TRP D 106 0.47 12.81 -9.15
C TRP D 106 0.14 13.08 -10.61
N TYR D 107 0.22 12.07 -11.45
CA TYR D 107 -0.24 12.17 -12.83
C TYR D 107 -1.67 11.64 -12.93
N PHE D 108 -2.28 11.81 -14.11
CA PHE D 108 -3.66 11.43 -14.34
C PHE D 108 -3.69 10.12 -15.11
N ASP D 109 -4.11 9.05 -14.44
CA ASP D 109 -4.12 7.71 -15.02
C ASP D 109 -5.48 7.30 -15.56
N LEU D 110 -6.52 8.10 -15.32
CA LEU D 110 -7.87 7.76 -15.75
C LEU D 110 -8.61 9.04 -16.11
N TRP D 111 -9.33 8.98 -17.23
CA TRP D 111 -10.04 10.14 -17.75
C TRP D 111 -11.47 9.74 -18.11
N GLY D 112 -12.37 10.71 -18.03
CA GLY D 112 -13.73 10.51 -18.48
C GLY D 112 -13.92 10.92 -19.94
N ARG D 113 -15.09 10.60 -20.47
CA ARG D 113 -15.38 10.91 -21.85
C ARG D 113 -15.62 12.40 -22.07
N GLY D 114 -15.91 13.15 -21.02
CA GLY D 114 -16.04 14.58 -21.12
C GLY D 114 -17.47 15.10 -21.13
N THR D 115 -17.72 16.11 -20.31
CA THR D 115 -19.01 16.78 -20.25
C THR D 115 -18.88 18.14 -20.94
N LEU D 116 -19.74 18.38 -21.92
CA LEU D 116 -19.74 19.63 -22.67
C LEU D 116 -20.74 20.60 -22.06
N VAL D 117 -20.28 21.81 -21.78
CA VAL D 117 -21.09 22.83 -21.13
C VAL D 117 -21.17 24.03 -22.07
N THR D 118 -22.39 24.38 -22.48
CA THR D 118 -22.64 25.53 -23.32
C THR D 118 -23.38 26.58 -22.51
N VAL D 119 -22.91 27.82 -22.59
CA VAL D 119 -23.50 28.95 -21.88
C VAL D 119 -23.88 29.99 -22.92
N SER D 120 -25.18 30.16 -23.13
CA SER D 120 -25.70 31.03 -24.17
C SER D 120 -26.77 31.94 -23.59
N SER D 121 -26.95 33.08 -24.25
CA SER D 121 -28.03 34.00 -23.90
C SER D 121 -29.29 33.72 -24.71
N ALA D 122 -29.14 33.16 -25.90
CA ALA D 122 -30.27 32.93 -26.81
C ALA D 122 -31.07 31.73 -26.34
N SER D 123 -32.05 31.32 -27.15
CA SER D 123 -32.90 30.17 -26.86
C SER D 123 -32.93 29.28 -28.09
N THR D 124 -33.49 28.07 -27.90
CA THR D 124 -33.56 27.10 -28.98
C THR D 124 -34.18 27.73 -30.23
N LYS D 125 -33.78 27.22 -31.38
CA LYS D 125 -34.23 27.76 -32.66
C LYS D 125 -34.02 26.72 -33.74
N GLY D 126 -34.79 26.84 -34.81
CA GLY D 126 -34.66 25.96 -35.94
C GLY D 126 -33.77 26.55 -37.01
N PRO D 127 -33.22 25.71 -37.89
CA PRO D 127 -32.28 26.19 -38.90
C PRO D 127 -32.98 26.79 -40.11
N SER D 128 -32.22 27.60 -40.83
CA SER D 128 -32.65 28.19 -42.09
C SER D 128 -31.79 27.60 -43.20
N VAL D 129 -32.44 26.99 -44.18
CA VAL D 129 -31.75 26.30 -45.28
C VAL D 129 -31.74 27.22 -46.49
N PHE D 130 -30.59 27.26 -47.17
CA PHE D 130 -30.45 28.02 -48.40
C PHE D 130 -29.64 27.21 -49.40
N PRO D 131 -29.86 27.41 -50.69
CA PRO D 131 -29.13 26.66 -51.71
C PRO D 131 -27.79 27.30 -52.07
N LEU D 132 -26.91 26.48 -52.63
CA LEU D 132 -25.62 26.89 -53.13
C LEU D 132 -25.39 26.23 -54.48
N ALA D 133 -26.36 26.43 -55.38
CA ALA D 133 -26.31 25.92 -56.74
C ALA D 133 -25.01 26.33 -57.41
N PRO D 134 -24.55 25.58 -58.42
CA PRO D 134 -23.25 25.87 -59.04
C PRO D 134 -23.17 27.29 -59.56
N SER D 135 -21.95 27.68 -59.94
CA SER D 135 -21.62 29.03 -60.36
C SER D 135 -21.20 29.03 -61.82
N SER D 136 -20.80 30.21 -62.31
CA SER D 136 -20.28 30.32 -63.67
C SER D 136 -18.79 30.04 -63.72
N LYS D 137 -18.01 30.73 -62.89
CA LYS D 137 -16.58 30.48 -62.81
C LYS D 137 -16.26 29.08 -62.31
N SER D 138 -17.24 28.39 -61.72
CA SER D 138 -17.05 27.02 -61.24
C SER D 138 -16.79 26.03 -62.37
N THR D 139 -16.87 26.45 -63.63
CA THR D 139 -16.57 25.57 -64.76
C THR D 139 -15.05 25.40 -64.85
N SER D 140 -14.49 24.75 -63.84
CA SER D 140 -13.06 24.53 -63.71
C SER D 140 -12.75 23.12 -64.19
N GLY D 141 -12.44 22.98 -65.48
CA GLY D 141 -12.14 21.70 -66.06
C GLY D 141 -13.20 20.65 -65.77
N GLY D 142 -14.45 21.09 -65.68
CA GLY D 142 -15.55 20.21 -65.37
C GLY D 142 -15.87 20.06 -63.90
N THR D 143 -15.07 20.68 -63.02
CA THR D 143 -15.26 20.54 -61.58
C THR D 143 -16.34 21.51 -61.13
N ALA D 144 -17.58 21.04 -61.10
CA ALA D 144 -18.72 21.85 -60.69
C ALA D 144 -19.07 21.53 -59.23
N ALA D 145 -19.30 22.58 -58.45
CA ALA D 145 -19.63 22.43 -57.05
C ALA D 145 -21.08 22.81 -56.80
N LEU D 146 -21.72 22.09 -55.89
CA LEU D 146 -23.04 22.43 -55.43
C LEU D 146 -23.04 22.34 -53.91
N GLY D 147 -24.07 22.87 -53.28
CA GLY D 147 -24.15 22.75 -51.83
C GLY D 147 -25.41 23.29 -51.21
N CYS D 148 -25.43 23.25 -49.88
CA CYS D 148 -26.51 23.80 -49.08
C CYS D 148 -25.89 24.49 -47.88
N LEU D 149 -26.63 25.47 -47.33
CA LEU D 149 -26.16 26.26 -46.21
C LEU D 149 -27.22 26.27 -45.12
N VAL D 150 -26.80 25.96 -43.89
CA VAL D 150 -27.69 25.97 -42.73
C VAL D 150 -27.22 27.12 -41.84
N LYS D 151 -28.05 28.15 -41.72
CA LYS D 151 -27.72 29.37 -40.99
C LYS D 151 -28.80 29.68 -39.97
N ASP D 152 -28.40 30.38 -38.90
CA ASP D 152 -29.33 30.85 -37.89
C ASP D 152 -30.05 29.68 -37.21
N TYR D 153 -29.25 28.84 -36.56
CA TYR D 153 -29.77 27.67 -35.85
C TYR D 153 -29.13 27.59 -34.49
N PHE D 154 -29.87 27.05 -33.53
CA PHE D 154 -29.40 26.94 -32.16
C PHE D 154 -30.35 26.08 -31.35
N PRO D 155 -29.85 25.25 -30.42
CA PRO D 155 -28.43 25.01 -30.11
C PRO D 155 -27.82 23.95 -31.00
N GLU D 156 -26.53 23.69 -30.83
CA GLU D 156 -25.85 22.66 -31.61
C GLU D 156 -26.17 21.29 -31.03
N PRO D 157 -25.98 20.22 -31.83
CA PRO D 157 -25.56 20.22 -33.24
C PRO D 157 -26.71 19.95 -34.22
N VAL D 158 -26.44 20.18 -35.50
CA VAL D 158 -27.32 19.73 -36.57
C VAL D 158 -26.57 18.67 -37.36
N THR D 159 -27.23 18.07 -38.34
CA THR D 159 -26.55 17.14 -39.24
C THR D 159 -27.06 17.37 -40.66
N VAL D 160 -26.14 17.31 -41.62
CA VAL D 160 -26.43 17.63 -43.01
C VAL D 160 -25.97 16.43 -43.84
N SER D 161 -26.93 15.62 -44.30
CA SER D 161 -26.65 14.49 -45.16
C SER D 161 -27.12 14.81 -46.58
N TRP D 162 -26.77 13.93 -47.51
CA TRP D 162 -27.06 14.16 -48.93
C TRP D 162 -27.65 12.91 -49.55
N ASN D 163 -28.69 13.11 -50.37
CA ASN D 163 -29.35 12.03 -51.08
C ASN D 163 -29.76 10.90 -50.11
N SER D 164 -30.32 11.31 -48.97
CA SER D 164 -30.75 10.37 -47.94
C SER D 164 -29.60 9.49 -47.46
N GLY D 165 -28.36 9.94 -47.66
CA GLY D 165 -27.20 9.18 -47.25
C GLY D 165 -26.73 8.20 -48.32
N ALA D 166 -26.52 8.72 -49.53
CA ALA D 166 -26.06 7.89 -50.64
C ALA D 166 -24.91 8.50 -51.42
N LEU D 167 -24.59 9.77 -51.22
CA LEU D 167 -23.54 10.46 -51.96
C LEU D 167 -22.44 10.87 -50.99
N THR D 168 -21.21 10.42 -51.28
CA THR D 168 -20.05 10.80 -50.47
C THR D 168 -18.85 11.12 -51.35
N SER D 169 -19.07 11.52 -52.61
CA SER D 169 -17.98 11.82 -53.54
C SER D 169 -17.45 13.21 -53.23
N GLY D 170 -16.38 13.28 -52.44
CA GLY D 170 -15.79 14.57 -52.11
C GLY D 170 -16.75 15.55 -51.49
N VAL D 171 -17.60 15.07 -50.58
CA VAL D 171 -18.60 15.89 -49.91
C VAL D 171 -18.13 16.19 -48.51
N HIS D 172 -18.15 17.48 -48.13
CA HIS D 172 -17.64 17.93 -46.84
C HIS D 172 -18.69 18.78 -46.14
N THR D 173 -18.73 18.65 -44.83
CA THR D 173 -19.61 19.43 -43.97
C THR D 173 -18.71 20.23 -43.02
N PHE D 174 -18.50 21.51 -43.35
CA PHE D 174 -17.57 22.32 -42.59
C PHE D 174 -18.04 22.47 -41.15
N PRO D 175 -17.15 22.84 -40.24
CA PRO D 175 -17.55 23.02 -38.84
C PRO D 175 -18.54 24.16 -38.67
N ALA D 176 -19.17 24.17 -37.51
CA ALA D 176 -20.15 25.21 -37.17
C ALA D 176 -19.42 26.35 -36.47
N VAL D 177 -19.49 27.54 -37.07
CA VAL D 177 -18.84 28.72 -36.51
C VAL D 177 -19.88 29.59 -35.83
N LEU D 178 -19.44 30.33 -34.81
CA LEU D 178 -20.34 31.10 -33.97
C LEU D 178 -20.34 32.56 -34.43
N GLN D 179 -21.52 33.05 -34.79
CA GLN D 179 -21.69 34.45 -35.16
C GLN D 179 -21.82 35.29 -33.89
N SER D 180 -22.21 36.55 -34.05
CA SER D 180 -22.40 37.45 -32.92
C SER D 180 -23.83 37.49 -32.41
N SER D 181 -24.78 36.98 -33.20
CA SER D 181 -26.18 36.93 -32.80
C SER D 181 -26.51 35.71 -31.95
N GLY D 182 -25.50 35.05 -31.38
CA GLY D 182 -25.74 33.84 -30.61
C GLY D 182 -26.29 32.69 -31.42
N LEU D 183 -26.07 32.70 -32.72
CA LEU D 183 -26.52 31.66 -33.63
C LEU D 183 -25.32 30.95 -34.23
N TYR D 184 -25.60 30.04 -35.16
CA TYR D 184 -24.56 29.24 -35.79
C TYR D 184 -24.82 29.14 -37.29
N SER D 185 -23.74 28.89 -38.02
CA SER D 185 -23.80 28.80 -39.48
C SER D 185 -22.83 27.73 -39.96
N LEU D 186 -23.23 27.00 -40.99
CA LEU D 186 -22.35 26.02 -41.61
C LEU D 186 -22.86 25.74 -43.01
N SER D 187 -22.07 24.97 -43.77
CA SER D 187 -22.39 24.70 -45.16
C SER D 187 -21.85 23.33 -45.54
N SER D 188 -22.62 22.59 -46.32
CA SER D 188 -22.19 21.34 -46.92
C SER D 188 -22.08 21.53 -48.42
N VAL D 189 -21.11 20.84 -49.03
CA VAL D 189 -20.82 21.03 -50.45
C VAL D 189 -20.36 19.70 -51.05
N VAL D 190 -20.60 19.56 -52.35
CA VAL D 190 -20.22 18.39 -53.11
C VAL D 190 -19.59 18.85 -54.42
N THR D 191 -18.59 18.08 -54.87
CA THR D 191 -17.94 18.30 -56.16
C THR D 191 -18.38 17.20 -57.12
N VAL D 192 -18.56 17.57 -58.39
CA VAL D 192 -19.05 16.65 -59.41
C VAL D 192 -18.57 17.12 -60.77
N PRO D 193 -18.84 16.38 -61.84
CA PRO D 193 -18.52 16.88 -63.18
C PRO D 193 -19.48 17.99 -63.58
N SER D 194 -18.96 18.95 -64.33
CA SER D 194 -19.80 20.04 -64.83
C SER D 194 -20.89 19.53 -65.77
N SER D 195 -20.83 18.27 -66.18
CA SER D 195 -21.91 17.67 -66.95
C SER D 195 -23.14 17.38 -66.11
N SER D 196 -23.12 17.72 -64.82
CA SER D 196 -24.21 17.42 -63.90
C SER D 196 -25.31 18.47 -63.94
N LEU D 197 -25.39 19.26 -65.01
CA LEU D 197 -26.50 20.19 -65.16
C LEU D 197 -27.84 19.48 -65.13
N GLY D 198 -27.89 18.21 -65.52
CA GLY D 198 -29.11 17.44 -65.53
C GLY D 198 -28.93 15.97 -65.17
N THR D 199 -27.73 15.61 -64.68
CA THR D 199 -27.46 14.21 -64.38
C THR D 199 -27.94 13.80 -62.99
N GLN D 200 -28.05 14.75 -62.05
CA GLN D 200 -28.35 14.42 -60.67
C GLN D 200 -29.27 15.47 -60.07
N THR D 201 -30.17 15.01 -59.20
CA THR D 201 -31.02 15.89 -58.39
C THR D 201 -30.61 15.69 -56.94
N TYR D 202 -29.59 16.44 -56.51
CA TYR D 202 -29.09 16.32 -55.15
C TYR D 202 -30.02 17.03 -54.18
N ILE D 203 -30.34 16.36 -53.08
CA ILE D 203 -31.19 16.92 -52.03
C ILE D 203 -30.44 16.83 -50.70
N CYS D 204 -30.31 17.97 -50.03
CA CYS D 204 -29.68 18.05 -48.71
C CYS D 204 -30.74 17.81 -47.65
N ASN D 205 -30.44 16.91 -46.71
CA ASN D 205 -31.30 16.62 -45.57
C ASN D 205 -30.66 17.20 -44.32
N VAL D 206 -31.28 18.24 -43.77
CA VAL D 206 -30.84 18.88 -42.53
C VAL D 206 -31.72 18.38 -41.40
N ASN D 207 -31.08 17.95 -40.31
CA ASN D 207 -31.78 17.41 -39.15
C ASN D 207 -31.27 18.08 -37.90
N HIS D 208 -32.18 18.71 -37.15
CA HIS D 208 -31.90 19.25 -35.83
C HIS D 208 -32.82 18.57 -34.83
N LYS D 209 -32.24 17.90 -33.85
CA LYS D 209 -32.99 17.09 -32.90
C LYS D 209 -33.68 17.92 -31.84
N PRO D 210 -33.01 18.88 -31.21
CA PRO D 210 -33.67 19.66 -30.14
C PRO D 210 -34.99 20.28 -30.57
N SER D 211 -35.04 20.88 -31.77
CA SER D 211 -36.25 21.51 -32.27
C SER D 211 -37.11 20.55 -33.08
N ASN D 212 -36.74 19.27 -33.15
CA ASN D 212 -37.51 18.26 -33.88
C ASN D 212 -37.68 18.66 -35.35
N THR D 213 -36.70 19.38 -35.89
CA THR D 213 -36.81 19.96 -37.22
C THR D 213 -36.06 19.11 -38.25
N LYS D 214 -36.67 18.95 -39.42
CA LYS D 214 -36.09 18.20 -40.52
C LYS D 214 -36.49 18.88 -41.82
N VAL D 215 -35.52 19.11 -42.69
CA VAL D 215 -35.78 19.81 -43.96
C VAL D 215 -35.00 19.13 -45.07
N ASP D 216 -35.71 18.71 -46.12
CA ASP D 216 -35.09 18.18 -47.32
C ASP D 216 -35.24 19.22 -48.43
N LYS D 217 -34.10 19.71 -48.93
CA LYS D 217 -34.09 20.80 -49.89
C LYS D 217 -33.29 20.41 -51.12
N LYS D 218 -33.88 20.63 -52.29
CA LYS D 218 -33.25 20.27 -53.56
C LYS D 218 -32.32 21.39 -54.04
N VAL D 219 -31.41 21.02 -54.94
CA VAL D 219 -30.49 21.96 -55.56
C VAL D 219 -30.70 21.93 -57.06
N GLU D 220 -30.63 23.10 -57.70
CA GLU D 220 -30.81 23.23 -59.14
C GLU D 220 -29.83 24.28 -59.66
N PRO D 221 -29.16 24.01 -60.78
CA PRO D 221 -28.28 25.05 -61.36
C PRO D 221 -29.06 26.31 -61.65
N LYS D 222 -28.68 27.40 -60.97
CA LYS D 222 -29.43 28.65 -61.08
C LYS D 222 -29.42 29.15 -62.51
N SER D 223 -30.61 29.43 -63.04
CA SER D 223 -30.79 29.95 -64.40
C SER D 223 -31.17 31.42 -64.30
N CYS D 224 -30.26 32.29 -64.72
CA CYS D 224 -30.54 33.73 -64.74
C CYS D 224 -31.50 34.01 -65.90
N ASP D 225 -32.78 34.11 -65.60
CA ASP D 225 -33.79 34.31 -66.63
C ASP D 225 -33.43 35.51 -67.50
N LYS D 226 -33.52 35.31 -68.81
CA LYS D 226 -33.18 36.35 -69.76
C LYS D 226 -34.39 37.23 -70.04
N THR D 227 -34.18 38.53 -70.08
CA THR D 227 -35.25 39.49 -70.33
C THR D 227 -35.30 39.89 -71.80
N ASP E 1 4.15 29.01 -10.16
CA ASP E 1 3.63 28.04 -11.12
C ASP E 1 4.67 27.73 -12.19
N ILE E 2 5.25 26.55 -12.10
CA ILE E 2 6.24 26.10 -13.08
C ILE E 2 5.60 26.18 -14.46
N GLN E 3 6.21 26.95 -15.35
CA GLN E 3 5.68 27.19 -16.68
C GLN E 3 6.36 26.26 -17.67
N MET E 4 5.56 25.55 -18.45
CA MET E 4 6.06 24.57 -19.41
C MET E 4 5.94 25.12 -20.82
N THR E 5 6.99 24.90 -21.61
CA THR E 5 7.07 25.35 -23.00
C THR E 5 7.34 24.15 -23.88
N GLN E 6 6.47 23.92 -24.87
CA GLN E 6 6.65 22.84 -25.81
C GLN E 6 7.21 23.36 -27.12
N SER E 7 7.81 22.46 -27.88
CA SER E 7 8.37 22.82 -29.17
C SER E 7 8.70 21.57 -29.99
N PRO E 8 8.35 21.53 -31.28
CA PRO E 8 7.59 22.56 -32.00
C PRO E 8 6.11 22.54 -31.62
N SER E 9 5.29 23.26 -32.38
CA SER E 9 3.84 23.27 -32.20
C SER E 9 3.09 22.55 -33.30
N THR E 10 3.45 22.78 -34.56
CA THR E 10 2.93 22.05 -35.70
C THR E 10 4.10 21.39 -36.40
N LEU E 11 4.18 20.06 -36.32
CA LEU E 11 5.33 19.30 -36.81
C LEU E 11 4.83 18.25 -37.78
N SER E 12 5.04 18.50 -39.08
CA SER E 12 4.66 17.55 -40.10
C SER E 12 5.62 16.37 -40.12
N ALA E 13 5.19 15.29 -40.75
CA ALA E 13 6.00 14.07 -40.87
C ALA E 13 5.26 13.12 -41.80
N SER E 14 5.89 11.99 -42.08
CA SER E 14 5.33 10.96 -42.94
C SER E 14 5.17 9.67 -42.13
N VAL E 15 4.78 8.61 -42.81
CA VAL E 15 4.63 7.31 -42.18
C VAL E 15 5.99 6.61 -42.13
N GLY E 16 6.21 5.86 -41.05
CA GLY E 16 7.47 5.17 -40.85
C GLY E 16 8.64 6.04 -40.45
N ASP E 17 8.53 7.36 -40.59
CA ASP E 17 9.61 8.26 -40.21
C ASP E 17 9.70 8.36 -38.69
N ARG E 18 10.76 9.00 -38.22
CA ARG E 18 11.02 9.20 -36.80
C ARG E 18 10.76 10.66 -36.45
N VAL E 19 10.13 10.88 -35.29
CA VAL E 19 9.71 12.21 -34.87
C VAL E 19 10.13 12.44 -33.43
N THR E 20 10.40 13.70 -33.11
CA THR E 20 10.85 14.12 -31.78
C THR E 20 10.14 15.40 -31.37
N ILE E 21 9.81 15.49 -30.09
CA ILE E 21 9.14 16.64 -29.50
C ILE E 21 9.85 16.98 -28.20
N THR E 22 9.78 18.25 -27.80
CA THR E 22 10.53 18.72 -26.65
C THR E 22 9.64 19.55 -25.73
N CYS E 23 9.86 19.39 -24.43
CA CYS E 23 9.21 20.18 -23.39
C CYS E 23 10.29 20.75 -22.50
N ARG E 24 10.01 21.90 -21.90
CA ARG E 24 11.01 22.66 -21.18
C ARG E 24 10.37 23.37 -20.00
N ALA E 25 10.97 23.24 -18.83
CA ALA E 25 10.45 23.83 -17.60
C ALA E 25 11.28 25.03 -17.19
N SER E 26 10.61 25.98 -16.52
CA SER E 26 11.28 27.16 -15.98
C SER E 26 12.10 26.85 -14.74
N GLN E 27 12.03 25.63 -14.23
CA GLN E 27 12.76 25.23 -13.04
C GLN E 27 13.25 23.80 -13.24
N SER E 28 13.74 23.19 -12.16
CA SER E 28 14.28 21.85 -12.21
C SER E 28 13.26 20.87 -11.63
N ILE E 29 12.64 20.09 -12.51
CA ILE E 29 11.78 18.99 -12.12
C ILE E 29 12.54 17.71 -12.41
N SER E 30 12.99 17.03 -11.36
CA SER E 30 13.98 15.98 -11.51
C SER E 30 13.58 14.97 -12.57
N SER E 31 12.46 14.27 -12.33
CA SER E 31 11.94 13.30 -13.30
C SER E 31 10.42 13.29 -13.29
N TRP E 32 9.80 14.30 -12.69
CA TRP E 32 8.35 14.35 -12.52
C TRP E 32 7.74 14.99 -13.75
N LEU E 33 7.40 14.16 -14.73
CA LEU E 33 6.82 14.66 -15.97
C LEU E 33 6.11 13.52 -16.69
N ALA E 34 4.90 13.78 -17.16
CA ALA E 34 4.11 12.82 -17.90
C ALA E 34 3.72 13.39 -19.26
N TRP E 35 3.42 12.48 -20.17
CA TRP E 35 3.04 12.81 -21.55
C TRP E 35 1.67 12.23 -21.85
N TYR E 36 0.78 13.06 -22.36
CA TYR E 36 -0.57 12.66 -22.71
C TYR E 36 -0.80 12.82 -24.21
N GLN E 37 -1.59 11.90 -24.75
CA GLN E 37 -1.99 11.90 -26.16
C GLN E 37 -3.47 12.23 -26.25
N GLN E 38 -3.82 13.10 -27.18
CA GLN E 38 -5.21 13.51 -27.37
C GLN E 38 -5.50 13.64 -28.85
N LYS E 39 -6.53 12.95 -29.30
CA LYS E 39 -7.03 13.02 -30.67
C LYS E 39 -8.30 13.84 -30.72
N PRO E 40 -8.72 14.27 -31.91
CA PRO E 40 -9.89 15.15 -32.02
C PRO E 40 -11.16 14.44 -31.57
N GLY E 41 -11.83 15.02 -30.58
CA GLY E 41 -13.10 14.49 -30.11
C GLY E 41 -12.98 13.59 -28.90
N LYS E 42 -11.95 12.75 -28.88
CA LYS E 42 -11.76 11.80 -27.81
C LYS E 42 -10.99 12.44 -26.66
N ALA E 43 -11.00 11.75 -25.52
CA ALA E 43 -10.34 12.25 -24.33
C ALA E 43 -8.84 11.95 -24.38
N PRO E 44 -8.05 12.63 -23.57
CA PRO E 44 -6.60 12.37 -23.56
C PRO E 44 -6.27 11.01 -22.97
N LYS E 45 -5.12 10.50 -23.40
CA LYS E 45 -4.63 9.19 -22.99
C LYS E 45 -3.22 9.33 -22.44
N LEU E 46 -2.92 8.55 -21.41
CA LEU E 46 -1.59 8.57 -20.82
C LEU E 46 -0.66 7.64 -21.60
N LEU E 47 0.56 8.11 -21.83
CA LEU E 47 1.60 7.32 -22.48
C LEU E 47 2.78 7.04 -21.55
N ILE E 48 3.32 8.08 -20.92
CA ILE E 48 4.60 8.00 -20.23
C ILE E 48 4.52 8.80 -18.95
N TYR E 49 5.03 8.22 -17.86
CA TYR E 49 5.27 8.92 -16.61
C TYR E 49 6.72 8.73 -16.22
N LYS E 50 7.17 9.52 -15.25
CA LYS E 50 8.55 9.55 -14.78
C LYS E 50 9.52 9.99 -15.88
N ALA E 51 9.01 10.35 -17.06
CA ALA E 51 9.80 10.87 -18.16
C ALA E 51 10.59 9.80 -18.89
N SER E 52 10.67 8.59 -18.33
CA SER E 52 11.39 7.50 -18.98
C SER E 52 10.68 6.17 -18.73
N SER E 53 9.38 6.22 -18.42
CA SER E 53 8.62 5.01 -18.09
C SER E 53 7.39 4.96 -18.97
N LEU E 54 6.93 3.74 -19.23
CA LEU E 54 5.83 3.47 -20.14
C LEU E 54 4.63 2.91 -19.39
N GLU E 55 3.44 3.18 -19.92
CA GLU E 55 2.21 2.70 -19.33
C GLU E 55 1.85 1.35 -19.92
N SER E 56 1.18 0.52 -19.12
CA SER E 56 0.72 -0.77 -19.59
C SER E 56 -0.42 -0.60 -20.60
N GLY E 57 -0.20 -1.06 -21.83
CA GLY E 57 -1.18 -0.91 -22.88
C GLY E 57 -0.72 -0.01 -24.00
N VAL E 58 0.58 0.29 -24.01
CA VAL E 58 1.16 1.22 -24.98
C VAL E 58 2.16 0.47 -25.85
N PRO E 59 2.37 0.87 -27.11
CA PRO E 59 3.42 0.23 -27.92
C PRO E 59 4.81 0.65 -27.50
N SER E 60 5.83 0.18 -28.21
CA SER E 60 7.21 0.45 -27.87
C SER E 60 7.80 1.64 -28.62
N ARG E 61 7.23 2.01 -29.77
CA ARG E 61 7.79 3.10 -30.56
C ARG E 61 7.84 4.41 -29.77
N PHE E 62 7.00 4.56 -28.74
CA PHE E 62 7.02 5.75 -27.90
C PHE E 62 8.10 5.61 -26.84
N SER E 63 8.97 6.61 -26.72
CA SER E 63 9.98 6.64 -25.69
C SER E 63 10.15 8.05 -25.16
N GLY E 64 10.56 8.15 -23.91
CA GLY E 64 10.80 9.43 -23.27
C GLY E 64 12.24 9.56 -22.81
N SER E 65 12.70 10.80 -22.71
CA SER E 65 14.08 11.08 -22.33
C SER E 65 14.13 12.42 -21.60
N GLY E 66 15.11 12.56 -20.72
CA GLY E 66 15.45 13.84 -20.14
C GLY E 66 15.35 13.81 -18.62
N SER E 67 15.80 14.91 -18.03
CA SER E 67 15.73 15.15 -16.60
C SER E 67 16.19 16.56 -16.32
N GLY E 68 15.63 17.17 -15.29
CA GLY E 68 15.98 18.53 -14.93
C GLY E 68 15.10 19.58 -15.55
N THR E 69 15.54 20.15 -16.68
CA THR E 69 14.87 21.29 -17.28
C THR E 69 14.44 21.07 -18.72
N GLU E 70 14.89 20.00 -19.38
CA GLU E 70 14.51 19.74 -20.76
C GLU E 70 14.22 18.27 -20.93
N PHE E 71 13.08 17.96 -21.55
CA PHE E 71 12.64 16.60 -21.79
C PHE E 71 12.27 16.45 -23.26
N THR E 72 12.32 15.21 -23.74
CA THR E 72 12.00 14.90 -25.12
C THR E 72 11.15 13.63 -25.18
N LEU E 73 10.30 13.57 -26.20
CA LEU E 73 9.51 12.40 -26.52
C LEU E 73 9.77 12.02 -27.98
N THR E 74 10.09 10.75 -28.20
CA THR E 74 10.46 10.28 -29.53
C THR E 74 9.56 9.13 -29.95
N ILE E 75 9.18 9.14 -31.23
CA ILE E 75 8.37 8.11 -31.84
C ILE E 75 9.10 7.65 -33.10
N THR E 76 9.58 6.40 -33.10
CA THR E 76 10.40 5.92 -34.19
C THR E 76 9.55 5.40 -35.35
N SER E 77 8.78 4.35 -35.11
CA SER E 77 8.00 3.70 -36.17
C SER E 77 6.61 4.32 -36.24
N LEU E 78 6.56 5.50 -36.84
CA LEU E 78 5.31 6.25 -36.91
C LEU E 78 4.27 5.47 -37.71
N GLN E 79 3.03 5.51 -37.24
CA GLN E 79 1.92 4.83 -37.88
C GLN E 79 0.71 5.74 -37.85
N PRO E 80 -0.28 5.50 -38.71
CA PRO E 80 -1.44 6.39 -38.78
C PRO E 80 -2.08 6.69 -37.43
N ASP E 81 -2.06 5.74 -36.50
CA ASP E 81 -2.69 5.93 -35.20
C ASP E 81 -1.88 6.81 -34.27
N ASP E 82 -0.84 7.48 -34.77
CA ASP E 82 0.00 8.34 -33.96
C ASP E 82 -0.16 9.82 -34.26
N PHE E 83 -0.83 10.18 -35.36
CA PHE E 83 -1.06 11.58 -35.69
C PHE E 83 -2.11 12.15 -34.75
N ALA E 84 -1.67 12.96 -33.80
CA ALA E 84 -2.53 13.49 -32.76
C ALA E 84 -1.80 14.64 -32.08
N THR E 85 -2.35 15.10 -30.96
CA THR E 85 -1.77 16.17 -30.16
C THR E 85 -1.17 15.58 -28.89
N TYR E 86 -0.11 16.21 -28.40
CA TYR E 86 0.66 15.70 -27.28
C TYR E 86 0.90 16.81 -26.27
N TYR E 87 0.71 16.50 -25.00
CA TYR E 87 0.85 17.46 -23.91
C TYR E 87 1.84 16.93 -22.87
N CYS E 88 2.64 17.83 -22.33
CA CYS E 88 3.55 17.51 -21.22
C CYS E 88 3.00 18.15 -19.95
N GLN E 89 2.96 17.37 -18.87
CA GLN E 89 2.49 17.82 -17.58
C GLN E 89 3.57 17.56 -16.53
N GLN E 90 3.76 18.52 -15.65
CA GLN E 90 4.68 18.39 -14.53
C GLN E 90 3.90 18.12 -13.25
N TYR E 91 4.43 17.25 -12.41
CA TYR E 91 3.81 16.95 -11.12
C TYR E 91 4.86 16.94 -10.01
N ASP E 92 5.69 17.98 -9.97
CA ASP E 92 6.64 18.17 -8.89
C ASP E 92 6.09 19.05 -7.78
N SER E 93 5.31 20.06 -8.13
CA SER E 93 4.77 21.00 -7.15
C SER E 93 3.43 21.50 -7.62
N PHE E 94 2.60 21.92 -6.66
CA PHE E 94 1.38 22.63 -6.98
C PHE E 94 1.70 24.06 -7.42
N SER E 95 0.89 24.62 -8.32
CA SER E 95 -0.19 23.92 -9.00
C SER E 95 0.38 23.17 -10.19
N TRP E 96 -0.41 22.26 -10.75
CA TRP E 96 0.06 21.41 -11.83
C TRP E 96 -0.32 22.02 -13.17
N THR E 97 0.68 22.23 -14.02
CA THR E 97 0.55 22.96 -15.27
C THR E 97 0.87 22.06 -16.44
N PHE E 98 0.10 22.20 -17.51
CA PHE E 98 0.35 21.47 -18.75
C PHE E 98 1.22 22.32 -19.66
N GLY E 99 1.41 21.85 -20.89
CA GLY E 99 2.11 22.62 -21.89
C GLY E 99 1.16 23.47 -22.70
N GLN E 100 1.27 23.39 -24.03
CA GLN E 100 0.35 24.07 -24.92
C GLN E 100 -0.14 23.20 -26.06
N GLY E 101 0.58 22.14 -26.42
CA GLY E 101 0.17 21.25 -27.49
C GLY E 101 1.12 21.24 -28.66
N THR E 102 1.35 20.06 -29.22
CA THR E 102 2.19 19.87 -30.39
C THR E 102 1.46 18.95 -31.36
N LYS E 103 0.81 19.52 -32.36
CA LYS E 103 0.04 18.73 -33.31
C LYS E 103 0.97 18.06 -34.31
N LEU E 104 0.45 16.99 -34.92
CA LEU E 104 1.14 16.29 -35.99
C LEU E 104 0.26 16.31 -37.24
N GLU E 105 0.92 16.30 -38.40
CA GLU E 105 0.25 16.37 -39.68
C GLU E 105 0.68 15.18 -40.53
N ILE E 106 0.21 15.16 -41.77
CA ILE E 106 0.53 14.13 -42.75
C ILE E 106 0.94 14.86 -44.02
N LYS E 107 2.25 15.04 -44.22
CA LYS E 107 2.72 15.79 -45.37
C LYS E 107 2.29 15.11 -46.66
N ARG E 108 2.49 15.83 -47.77
CA ARG E 108 2.07 15.38 -49.08
C ARG E 108 2.70 16.29 -50.12
N THR E 109 2.35 16.05 -51.38
CA THR E 109 2.74 16.96 -52.45
C THR E 109 2.10 18.32 -52.22
N VAL E 110 2.72 19.36 -52.79
CA VAL E 110 2.16 20.70 -52.70
C VAL E 110 0.95 20.77 -53.63
N ALA E 111 -0.24 20.64 -53.05
CA ALA E 111 -1.46 20.55 -53.83
C ALA E 111 -1.67 21.81 -54.66
N ALA E 112 -2.68 21.76 -55.53
CA ALA E 112 -3.06 22.87 -56.37
C ALA E 112 -4.38 23.45 -55.87
N PRO E 113 -4.36 24.50 -55.04
CA PRO E 113 -5.62 25.05 -54.51
C PRO E 113 -6.51 25.61 -55.61
N SER E 114 -7.66 24.98 -55.81
CA SER E 114 -8.68 25.54 -56.69
C SER E 114 -9.47 26.61 -55.93
N VAL E 115 -10.47 27.20 -56.59
CA VAL E 115 -11.28 28.22 -55.96
C VAL E 115 -12.63 28.28 -56.65
N PHE E 116 -13.69 28.46 -55.87
CA PHE E 116 -15.05 28.58 -56.35
C PHE E 116 -15.71 29.78 -55.70
N ILE E 117 -16.68 30.37 -56.40
CA ILE E 117 -17.46 31.50 -55.90
C ILE E 117 -18.93 31.19 -56.09
N PHE E 118 -19.73 31.43 -55.06
CA PHE E 118 -21.16 31.17 -55.09
C PHE E 118 -21.89 32.41 -54.61
N PRO E 119 -22.70 33.05 -55.45
CA PRO E 119 -23.43 34.25 -55.00
C PRO E 119 -24.63 33.87 -54.15
N PRO E 120 -25.37 34.86 -53.66
CA PRO E 120 -26.56 34.56 -52.85
C PRO E 120 -27.81 34.39 -53.70
N SER E 121 -28.94 34.15 -53.04
CA SER E 121 -30.23 34.05 -53.69
C SER E 121 -31.16 35.10 -53.12
N ASP E 122 -32.12 35.54 -53.94
CA ASP E 122 -33.06 36.57 -53.50
C ASP E 122 -33.91 36.12 -52.32
N GLU E 123 -33.94 34.82 -52.02
CA GLU E 123 -34.66 34.37 -50.83
C GLU E 123 -33.95 34.82 -49.57
N GLN E 124 -32.62 34.81 -49.58
CA GLN E 124 -31.87 35.37 -48.46
C GLN E 124 -32.21 36.85 -48.27
N LEU E 125 -32.30 37.59 -49.38
CA LEU E 125 -32.69 39.00 -49.28
C LEU E 125 -34.10 39.14 -48.72
N LYS E 126 -35.00 38.25 -49.12
CA LYS E 126 -36.33 38.23 -48.52
C LYS E 126 -36.24 38.00 -47.03
N SER E 127 -35.28 37.19 -46.59
CA SER E 127 -35.03 37.02 -45.16
C SER E 127 -34.47 38.29 -44.53
N GLY E 128 -33.94 39.21 -45.33
CA GLY E 128 -33.42 40.47 -44.85
C GLY E 128 -31.93 40.66 -45.06
N THR E 129 -31.19 39.58 -45.29
CA THR E 129 -29.74 39.66 -45.44
C THR E 129 -29.29 38.63 -46.46
N ALA E 130 -28.21 38.96 -47.16
CA ALA E 130 -27.63 38.10 -48.19
C ALA E 130 -26.25 37.63 -47.74
N SER E 131 -25.73 36.63 -48.44
CA SER E 131 -24.43 36.06 -48.10
C SER E 131 -23.83 35.41 -49.32
N VAL E 132 -22.64 35.86 -49.71
CA VAL E 132 -21.86 35.23 -50.77
C VAL E 132 -20.85 34.30 -50.10
N VAL E 133 -20.33 33.34 -50.87
CA VAL E 133 -19.34 32.41 -50.32
C VAL E 133 -18.26 32.11 -51.35
N CYS E 134 -17.09 31.75 -50.83
CA CYS E 134 -15.91 31.48 -51.64
C CYS E 134 -15.17 30.29 -51.07
N LEU E 135 -14.94 29.27 -51.88
CA LEU E 135 -14.36 28.01 -51.44
C LEU E 135 -12.98 27.82 -52.05
N LEU E 136 -12.13 27.08 -51.32
CA LEU E 136 -10.77 26.74 -51.74
C LEU E 136 -10.56 25.23 -51.65
N ASN E 137 -11.51 24.49 -52.22
CA ASN E 137 -11.53 23.04 -52.12
C ASN E 137 -10.17 22.45 -52.48
N ASN E 138 -9.76 21.42 -51.72
CA ASN E 138 -8.62 20.58 -52.04
C ASN E 138 -7.33 21.41 -52.20
N PHE E 139 -6.91 21.99 -51.07
CA PHE E 139 -5.70 22.78 -51.02
C PHE E 139 -4.75 22.22 -49.96
N TYR E 140 -3.46 22.50 -50.17
CA TYR E 140 -2.40 22.10 -49.25
C TYR E 140 -1.16 22.91 -49.58
N PRO E 141 -0.37 23.35 -48.59
CA PRO E 141 -0.56 23.22 -47.14
C PRO E 141 -1.74 24.05 -46.60
N ARG E 142 -1.81 24.18 -45.28
CA ARG E 142 -2.95 24.82 -44.65
C ARG E 142 -2.95 26.33 -44.88
N GLU E 143 -1.78 26.96 -44.95
CA GLU E 143 -1.70 28.41 -45.07
C GLU E 143 -2.23 28.84 -46.43
N ALA E 144 -3.43 29.42 -46.43
CA ALA E 144 -4.04 29.94 -47.65
C ALA E 144 -5.07 30.98 -47.24
N LYS E 145 -4.95 32.19 -47.78
CA LYS E 145 -5.78 33.31 -47.38
C LYS E 145 -6.75 33.68 -48.50
N VAL E 146 -7.92 34.18 -48.13
CA VAL E 146 -8.94 34.60 -49.07
C VAL E 146 -9.31 36.05 -48.75
N GLN E 147 -9.07 36.94 -49.70
CA GLN E 147 -9.37 38.36 -49.54
C GLN E 147 -10.68 38.69 -50.24
N TRP E 148 -11.53 39.45 -49.56
CA TRP E 148 -12.80 39.89 -50.11
C TRP E 148 -12.70 41.36 -50.49
N LYS E 149 -13.09 41.66 -51.73
CA LYS E 149 -13.03 43.03 -52.25
C LYS E 149 -14.42 43.42 -52.75
N VAL E 150 -15.04 44.39 -52.10
CA VAL E 150 -16.31 44.95 -52.54
C VAL E 150 -15.97 46.14 -53.44
N ASP E 151 -16.07 45.95 -54.75
CA ASP E 151 -15.68 46.98 -55.72
C ASP E 151 -14.17 47.20 -55.72
N ASN E 152 -13.42 46.11 -55.61
CA ASN E 152 -11.96 46.18 -55.56
C ASN E 152 -11.49 46.99 -54.34
N ALA E 153 -12.17 46.78 -53.21
CA ALA E 153 -11.85 47.49 -51.98
C ALA E 153 -11.94 46.49 -50.83
N LEU E 154 -10.86 46.38 -50.05
CA LEU E 154 -10.84 45.49 -48.90
C LEU E 154 -12.07 45.72 -48.03
N GLN E 155 -12.58 44.63 -47.47
CA GLN E 155 -13.75 44.70 -46.59
C GLN E 155 -13.56 43.67 -45.49
N SER E 156 -13.04 44.11 -44.36
CA SER E 156 -12.80 43.22 -43.22
C SER E 156 -13.93 43.35 -42.20
N GLY E 157 -13.87 42.49 -41.18
CA GLY E 157 -14.87 42.51 -40.13
C GLY E 157 -16.28 42.28 -40.61
N ASN E 158 -16.45 41.73 -41.82
CA ASN E 158 -17.78 41.48 -42.37
C ASN E 158 -18.02 40.04 -42.77
N SER E 159 -16.98 39.23 -42.91
CA SER E 159 -17.08 37.84 -43.34
C SER E 159 -16.58 36.92 -42.23
N GLN E 160 -16.67 35.62 -42.49
CA GLN E 160 -16.26 34.60 -41.52
C GLN E 160 -15.80 33.37 -42.29
N GLU E 161 -14.68 32.79 -41.86
CA GLU E 161 -14.09 31.65 -42.54
C GLU E 161 -14.23 30.39 -41.70
N SER E 162 -14.11 29.25 -42.36
CA SER E 162 -14.19 27.94 -41.72
C SER E 162 -13.38 26.95 -42.52
N VAL E 163 -12.51 26.21 -41.84
CA VAL E 163 -11.55 25.32 -42.49
C VAL E 163 -11.72 23.91 -41.92
N THR E 164 -11.68 22.91 -42.79
CA THR E 164 -11.86 21.53 -42.40
C THR E 164 -10.57 20.98 -41.79
N GLU E 165 -10.59 19.70 -41.45
CA GLU E 165 -9.43 18.98 -40.99
C GLU E 165 -8.80 18.22 -42.16
N GLN E 166 -7.81 17.40 -41.86
CA GLN E 166 -7.09 16.67 -42.91
C GLN E 166 -7.93 15.50 -43.40
N ASP E 167 -8.20 15.47 -44.70
CA ASP E 167 -8.95 14.36 -45.29
C ASP E 167 -8.15 13.08 -45.14
N SER E 168 -8.87 11.96 -45.04
CA SER E 168 -8.25 10.66 -44.83
C SER E 168 -7.67 10.06 -46.11
N LYS E 169 -8.01 10.61 -47.28
CA LYS E 169 -7.58 10.05 -48.56
C LYS E 169 -6.39 10.80 -49.13
N ASP E 170 -6.53 12.11 -49.33
CA ASP E 170 -5.49 12.93 -49.94
C ASP E 170 -4.75 13.80 -48.94
N SER E 171 -5.20 13.83 -47.68
CA SER E 171 -4.55 14.62 -46.64
C SER E 171 -4.58 16.11 -46.95
N THR E 172 -5.60 16.54 -47.68
CA THR E 172 -5.75 17.93 -48.09
C THR E 172 -6.83 18.62 -47.27
N TYR E 173 -6.64 19.91 -47.05
CA TYR E 173 -7.61 20.72 -46.33
C TYR E 173 -8.65 21.28 -47.29
N SER E 174 -9.70 21.84 -46.72
CA SER E 174 -10.73 22.53 -47.50
C SER E 174 -11.25 23.71 -46.68
N LEU E 175 -11.30 24.88 -47.29
CA LEU E 175 -11.67 26.11 -46.61
C LEU E 175 -12.88 26.74 -47.29
N SER E 176 -13.57 27.59 -46.55
CA SER E 176 -14.75 28.28 -47.08
C SER E 176 -14.96 29.56 -46.30
N SER E 177 -15.00 30.68 -47.02
CA SER E 177 -15.32 31.98 -46.45
C SER E 177 -16.74 32.36 -46.86
N THR E 178 -17.44 33.05 -45.96
CA THR E 178 -18.78 33.54 -46.22
C THR E 178 -18.85 35.01 -45.84
N LEU E 179 -19.27 35.84 -46.79
CA LEU E 179 -19.41 37.28 -46.58
C LEU E 179 -20.91 37.58 -46.51
N THR E 180 -21.36 37.97 -45.32
CA THR E 180 -22.77 38.27 -45.07
C THR E 180 -22.96 39.78 -44.99
N LEU E 181 -24.04 40.26 -45.60
CA LEU E 181 -24.33 41.69 -45.62
C LEU E 181 -25.85 41.88 -45.60
N SER E 182 -26.26 43.12 -45.39
CA SER E 182 -27.66 43.48 -45.37
C SER E 182 -28.13 43.81 -46.78
N LYS E 183 -29.46 43.86 -46.95
CA LYS E 183 -30.03 44.22 -48.23
C LYS E 183 -29.69 45.65 -48.65
N ALA E 184 -29.18 46.46 -47.73
CA ALA E 184 -28.72 47.81 -48.05
C ALA E 184 -27.23 47.81 -48.38
N ASP E 185 -26.40 47.34 -47.45
CA ASP E 185 -24.97 47.21 -47.70
C ASP E 185 -24.67 46.30 -48.88
N TYR E 186 -25.59 45.38 -49.22
CA TYR E 186 -25.42 44.57 -50.41
C TYR E 186 -25.56 45.41 -51.67
N GLU E 187 -26.38 46.45 -51.61
CA GLU E 187 -26.51 47.41 -52.69
C GLU E 187 -25.41 48.48 -52.68
N LYS E 188 -24.55 48.47 -51.66
CA LYS E 188 -23.46 49.43 -51.59
C LYS E 188 -22.67 49.47 -52.88
N HIS E 189 -22.17 48.31 -53.31
CA HIS E 189 -21.42 48.19 -54.55
C HIS E 189 -21.89 46.95 -55.28
N LYS E 190 -21.23 46.64 -56.40
CA LYS E 190 -21.64 45.56 -57.29
C LYS E 190 -20.60 44.46 -57.43
N VAL E 191 -19.33 44.80 -57.52
CA VAL E 191 -18.28 43.81 -57.78
C VAL E 191 -17.84 43.21 -56.45
N TYR E 192 -18.21 41.94 -56.24
CA TYR E 192 -17.71 41.16 -55.12
C TYR E 192 -16.62 40.22 -55.65
N ALA E 193 -15.41 40.35 -55.11
CA ALA E 193 -14.26 39.61 -55.60
C ALA E 193 -13.63 38.80 -54.47
N CYS E 194 -13.21 37.58 -54.80
CA CYS E 194 -12.49 36.70 -53.89
C CYS E 194 -11.11 36.44 -54.49
N GLU E 195 -10.07 36.76 -53.71
CA GLU E 195 -8.69 36.60 -54.15
C GLU E 195 -8.01 35.56 -53.28
N VAL E 196 -7.53 34.48 -53.88
CA VAL E 196 -6.89 33.40 -53.15
C VAL E 196 -5.38 33.58 -53.22
N THR E 197 -4.74 33.55 -52.06
CA THR E 197 -3.29 33.63 -51.95
C THR E 197 -2.79 32.37 -51.24
N HIS E 198 -1.75 31.75 -51.81
CA HIS E 198 -1.24 30.49 -51.29
C HIS E 198 0.20 30.33 -51.76
N GLN E 199 1.10 30.01 -50.83
CA GLN E 199 2.51 29.89 -51.18
C GLN E 199 2.72 28.90 -52.33
N GLY E 200 2.04 27.76 -52.27
CA GLY E 200 2.17 26.78 -53.34
C GLY E 200 1.72 27.31 -54.69
N LEU E 201 0.84 28.31 -54.69
CA LEU E 201 0.36 28.92 -55.92
C LEU E 201 1.33 30.01 -56.36
N SER E 202 1.76 29.95 -57.62
CA SER E 202 2.72 30.92 -58.15
C SER E 202 2.08 32.28 -58.41
N SER E 203 0.78 32.34 -58.66
CA SER E 203 0.11 33.59 -58.95
C SER E 203 -1.25 33.63 -58.25
N PRO E 204 -1.48 34.57 -57.33
CA PRO E 204 -2.80 34.68 -56.69
C PRO E 204 -3.90 34.87 -57.72
N VAL E 205 -4.79 33.90 -57.79
CA VAL E 205 -5.92 33.93 -58.72
C VAL E 205 -7.06 34.71 -58.07
N THR E 206 -7.85 35.37 -58.89
CA THR E 206 -8.94 36.22 -58.44
C THR E 206 -10.20 35.88 -59.22
N LYS E 207 -11.34 35.96 -58.53
CA LYS E 207 -12.62 35.66 -59.16
C LYS E 207 -13.65 36.63 -58.60
N SER E 208 -14.18 37.50 -59.45
CA SER E 208 -15.11 38.54 -59.02
C SER E 208 -16.34 38.53 -59.93
N PHE E 209 -17.44 39.02 -59.37
CA PHE E 209 -18.71 39.05 -60.09
C PHE E 209 -19.47 40.30 -59.69
N ASN E 210 -20.07 40.97 -60.68
CA ASN E 210 -20.87 42.15 -60.45
C ASN E 210 -22.24 41.76 -59.90
N ARG E 211 -22.92 42.75 -59.30
CA ARG E 211 -24.27 42.50 -58.78
C ARG E 211 -25.19 42.06 -59.91
N GLY E 212 -25.76 40.87 -59.76
CA GLY E 212 -26.57 40.31 -60.83
C GLY E 212 -25.76 40.00 -62.07
N GLU E 213 -24.58 39.39 -61.90
CA GLU E 213 -23.69 39.11 -63.02
C GLU E 213 -22.97 37.80 -62.74
N CYS E 214 -23.41 36.73 -63.39
CA CYS E 214 -22.76 35.42 -63.27
C CYS E 214 -23.66 34.34 -63.87
#